data_2V2X
#
_entry.id   2V2X
#
_cell.length_a   50.308
_cell.length_b   63.606
_cell.length_c   74.744
_cell.angle_alpha   81.83
_cell.angle_beta   76.21
_cell.angle_gamma   77.73
#
_symmetry.space_group_name_H-M   'P 1'
#
loop_
_entity.id
_entity.type
_entity.pdbx_description
1 polymer 'HLA CLASS I HISTOCOMPATIBILITY ANTIGEN, A-2 ALPHA CHAIN'
2 polymer 'BETA-2 MICROGLOBULIN'
3 polymer 'HIV P17'
4 water water
#
loop_
_entity_poly.entity_id
_entity_poly.type
_entity_poly.pdbx_seq_one_letter_code
_entity_poly.pdbx_strand_id
1 'polypeptide(L)'
;GSHSMRYFFTSVSRPGRGEPRFIAVGYVDDTQFVRFDSDAASQRMEPRAPWIEQEGPEYWDGETRKVKAHSQTHRVDLGT
LRGYYNQSEAGSHTVQRMYGCDVGSDWRFLRGYHQYAYDGKDYIALKEDLRSWTAADMAAQTTKHKWEAAHVAEQLRAYL
EGTCVEWLRRYLENGKETLQRTDAPKTHMTHHAVSDHEATLRCWALSFYPAEITLTWQRDGEDQTQDTELVETRPAGDGT
FQKWAAVVVPSGQEQRYTCHVQHEGLPKPLTLRWEP
;
A,D
2 'polypeptide(L)'
;MIQRTPKIQVYSRHPAENGKSNFLNCYVSGFHPSDIEVDLLKNGERIEKVEHSDLSFSKDWSFYLLYYTEFTPTEKDEYA
CRVNHVTLSQPKIVKWDRDM
;
B,E
3 'polypeptide(L)' SLFNTVATL C,F
#
# COMPACT_ATOMS: atom_id res chain seq x y z
N GLY A 1 20.03 14.11 -6.71
CA GLY A 1 18.84 14.20 -7.59
C GLY A 1 18.03 12.91 -7.57
N SER A 2 17.26 12.72 -8.64
CA SER A 2 16.35 11.60 -8.83
C SER A 2 17.14 10.34 -9.19
N HIS A 3 16.59 9.15 -8.87
CA HIS A 3 17.28 7.88 -9.18
C HIS A 3 16.30 6.79 -9.57
N SER A 4 16.81 5.75 -10.21
CA SER A 4 15.98 4.61 -10.57
C SER A 4 16.76 3.32 -10.42
N MET A 5 16.01 2.23 -10.20
CA MET A 5 16.55 0.87 -10.29
C MET A 5 15.69 0.13 -11.29
N ARG A 6 16.33 -0.60 -12.19
CA ARG A 6 15.58 -1.30 -13.23
C ARG A 6 16.19 -2.65 -13.50
N TYR A 7 15.35 -3.67 -13.64
CA TYR A 7 15.81 -4.98 -14.12
C TYR A 7 15.24 -5.25 -15.49
N PHE A 8 16.03 -5.88 -16.36
CA PHE A 8 15.66 -6.16 -17.75
C PHE A 8 15.91 -7.65 -17.99
N PHE A 9 14.93 -8.32 -18.58
CA PHE A 9 15.01 -9.77 -18.82
C PHE A 9 14.64 -10.07 -20.26
N THR A 10 15.48 -10.86 -20.91
CA THR A 10 15.25 -11.27 -22.29
C THR A 10 15.36 -12.78 -22.38
N SER A 11 14.34 -13.41 -22.97
CA SER A 11 14.45 -14.84 -23.29
C SER A 11 14.16 -15.05 -24.76
N VAL A 12 14.96 -15.91 -25.37
CA VAL A 12 14.86 -16.16 -26.81
C VAL A 12 14.82 -17.66 -27.04
N SER A 13 13.74 -18.13 -27.67
CA SER A 13 13.59 -19.56 -27.91
C SER A 13 14.56 -20.01 -29.00
N ARG A 14 14.98 -21.26 -28.88
CA ARG A 14 16.02 -21.85 -29.69
C ARG A 14 15.56 -23.22 -30.16
N PRO A 15 14.47 -23.29 -30.93
CA PRO A 15 13.92 -24.61 -31.27
C PRO A 15 14.96 -25.54 -31.89
N GLY A 16 15.08 -26.75 -31.33
CA GLY A 16 16.09 -27.71 -31.79
C GLY A 16 17.49 -27.50 -31.24
N ARG A 17 17.71 -26.37 -30.56
CA ARG A 17 19.03 -26.01 -30.04
C ARG A 17 19.04 -25.84 -28.52
N GLY A 18 18.19 -26.60 -27.84
CA GLY A 18 18.14 -26.61 -26.38
C GLY A 18 17.15 -25.62 -25.80
N GLU A 19 17.38 -25.28 -24.53
CA GLU A 19 16.49 -24.42 -23.77
C GLU A 19 16.65 -22.96 -24.24
N PRO A 20 15.64 -22.11 -24.00
CA PRO A 20 15.79 -20.72 -24.45
C PRO A 20 16.99 -20.03 -23.78
N ARG A 21 17.62 -19.11 -24.51
CA ARG A 21 18.64 -18.22 -23.97
C ARG A 21 17.95 -17.23 -23.04
N PHE A 22 18.48 -17.04 -21.84
CA PHE A 22 17.89 -16.07 -20.88
C PHE A 22 19.02 -15.18 -20.36
N ILE A 23 18.80 -13.87 -20.43
CA ILE A 23 19.78 -12.91 -19.93
C ILE A 23 19.05 -11.89 -19.06
N ALA A 24 19.55 -11.72 -17.84
CA ALA A 24 18.98 -10.72 -16.95
C ALA A 24 20.05 -9.71 -16.63
N VAL A 25 19.68 -8.43 -16.60
CA VAL A 25 20.62 -7.37 -16.17
C VAL A 25 19.90 -6.40 -15.23
N GLY A 26 20.65 -5.88 -14.26
CA GLY A 26 20.09 -4.89 -13.31
C GLY A 26 20.91 -3.61 -13.36
N TYR A 27 20.21 -2.47 -13.30
CA TYR A 27 20.84 -1.15 -13.32
C TYR A 27 20.38 -0.32 -12.15
N VAL A 28 21.27 0.54 -11.66
CA VAL A 28 20.85 1.67 -10.86
C VAL A 28 21.24 2.87 -11.73
N ASP A 29 20.28 3.74 -12.01
CA ASP A 29 20.49 4.82 -12.98
C ASP A 29 21.13 4.26 -14.27
N ASP A 30 22.23 4.85 -14.75
CA ASP A 30 22.91 4.36 -15.98
C ASP A 30 24.08 3.40 -15.71
N THR A 31 24.09 2.81 -14.53
CA THR A 31 25.17 1.92 -14.12
C THR A 31 24.68 0.47 -13.95
N GLN A 32 25.19 -0.43 -14.78
CA GLN A 32 24.84 -1.85 -14.60
C GLN A 32 25.50 -2.35 -13.34
N PHE A 33 24.81 -3.23 -12.59
CA PHE A 33 25.41 -3.76 -11.36
C PHE A 33 25.31 -5.28 -11.20
N VAL A 34 24.36 -5.92 -11.90
CA VAL A 34 24.30 -7.41 -11.86
C VAL A 34 23.94 -7.99 -13.23
N ARG A 35 24.26 -9.27 -13.47
CA ARG A 35 23.86 -9.97 -14.69
C ARG A 35 23.61 -11.44 -14.37
N PHE A 36 22.82 -12.11 -15.22
CA PHE A 36 22.74 -13.56 -15.21
C PHE A 36 22.67 -13.98 -16.67
N ASP A 37 23.51 -14.92 -17.06
CA ASP A 37 23.40 -15.47 -18.42
C ASP A 37 23.23 -16.97 -18.35
N SER A 38 22.12 -17.44 -18.91
CA SER A 38 21.76 -18.86 -18.96
C SER A 38 22.85 -19.75 -19.55
N ASP A 39 23.63 -19.19 -20.46
CA ASP A 39 24.60 -19.96 -21.23
C ASP A 39 25.98 -19.94 -20.58
N ALA A 40 26.12 -19.15 -19.52
CA ALA A 40 27.40 -19.06 -18.81
C ALA A 40 27.59 -20.27 -17.90
N ALA A 41 28.84 -20.53 -17.53
CA ALA A 41 29.16 -21.71 -16.71
C ALA A 41 28.66 -21.61 -15.26
N SER A 42 28.75 -20.41 -14.67
CA SER A 42 28.51 -20.26 -13.21
C SER A 42 27.09 -20.56 -12.76
N GLN A 43 26.12 -20.25 -13.63
CA GLN A 43 24.70 -20.32 -13.27
C GLN A 43 24.39 -19.53 -12.01
N ARG A 44 25.03 -18.37 -11.86
CA ARG A 44 24.75 -17.52 -10.70
C ARG A 44 24.55 -16.10 -11.13
N MET A 45 23.80 -15.35 -10.33
CA MET A 45 23.80 -13.91 -10.49
C MET A 45 25.20 -13.39 -10.19
N GLU A 46 25.68 -12.49 -11.02
CA GLU A 46 27.05 -12.01 -10.87
C GLU A 46 27.16 -10.50 -10.79
N PRO A 47 28.12 -10.01 -10.00
CA PRO A 47 28.34 -8.56 -9.87
C PRO A 47 28.90 -7.97 -11.14
N ARG A 48 28.49 -6.75 -11.45
CA ARG A 48 29.04 -6.00 -12.60
C ARG A 48 29.37 -4.55 -12.18
N ALA A 49 29.24 -4.24 -10.90
CA ALA A 49 29.73 -2.98 -10.37
C ALA A 49 30.53 -3.27 -9.09
N PRO A 50 31.52 -2.43 -8.77
CA PRO A 50 32.36 -2.80 -7.60
C PRO A 50 31.65 -2.70 -6.24
N TRP A 51 30.67 -1.80 -6.13
CA TRP A 51 29.99 -1.58 -4.86
C TRP A 51 29.08 -2.75 -4.46
N ILE A 52 28.66 -3.56 -5.43
CA ILE A 52 27.78 -4.69 -5.11
C ILE A 52 28.56 -5.96 -4.70
N GLU A 53 29.85 -5.98 -5.05
CA GLU A 53 30.74 -7.07 -4.65
C GLU A 53 30.77 -7.26 -3.12
N GLN A 54 30.43 -6.20 -2.38
CA GLN A 54 30.44 -6.23 -0.92
C GLN A 54 29.26 -6.96 -0.30
N GLU A 55 28.22 -7.22 -1.06
CA GLU A 55 27.07 -7.96 -0.54
C GLU A 55 27.53 -9.38 -0.24
N GLY A 56 26.99 -10.00 0.80
CA GLY A 56 27.49 -11.34 1.16
C GLY A 56 26.92 -12.50 0.35
N PRO A 57 27.31 -13.73 0.71
CA PRO A 57 26.71 -14.92 0.09
C PRO A 57 25.20 -14.98 0.21
N GLU A 58 24.64 -14.48 1.29
CA GLU A 58 23.19 -14.57 1.43
C GLU A 58 22.49 -13.75 0.32
N TYR A 59 23.00 -12.56 0.02
CA TYR A 59 22.49 -11.78 -1.11
C TYR A 59 22.66 -12.55 -2.44
N TRP A 60 23.86 -13.05 -2.72
CA TRP A 60 24.11 -13.66 -4.03
C TRP A 60 23.36 -14.95 -4.21
N ASP A 61 23.30 -15.78 -3.16
CA ASP A 61 22.49 -16.98 -3.23
C ASP A 61 21.01 -16.62 -3.47
N GLY A 62 20.50 -15.62 -2.75
CA GLY A 62 19.12 -15.19 -2.92
C GLY A 62 18.81 -14.64 -4.30
N GLU A 63 19.70 -13.78 -4.82
CA GLU A 63 19.52 -13.25 -6.20
C GLU A 63 19.61 -14.35 -7.26
N THR A 64 20.50 -15.31 -7.02
CA THR A 64 20.65 -16.45 -7.92
C THR A 64 19.35 -17.29 -7.92
N ARG A 65 18.84 -17.59 -6.73
CA ARG A 65 17.56 -18.32 -6.62
C ARG A 65 16.41 -17.58 -7.33
N LYS A 66 16.27 -16.27 -7.07
CA LYS A 66 15.22 -15.48 -7.72
C LYS A 66 15.39 -15.36 -9.23
N VAL A 67 16.62 -15.15 -9.69
CA VAL A 67 16.86 -15.01 -11.14
C VAL A 67 16.57 -16.30 -11.92
N LYS A 68 16.85 -17.46 -11.31
CA LYS A 68 16.49 -18.75 -11.91
C LYS A 68 14.98 -18.87 -12.04
N ALA A 69 14.27 -18.34 -11.05
CA ALA A 69 12.80 -18.32 -11.10
C ALA A 69 12.27 -17.43 -12.21
N HIS A 70 12.92 -16.27 -12.43
CA HIS A 70 12.60 -15.39 -13.57
C HIS A 70 12.83 -16.12 -14.91
N SER A 71 13.92 -16.87 -14.98
CA SER A 71 14.26 -17.68 -16.14
C SER A 71 13.22 -18.74 -16.44
N GLN A 72 12.83 -19.49 -15.40
CA GLN A 72 11.75 -20.49 -15.49
C GLN A 72 10.45 -19.91 -15.99
N THR A 73 10.07 -18.77 -15.41
CA THR A 73 8.88 -18.06 -15.83
C THR A 73 8.87 -17.79 -17.33
N HIS A 74 9.99 -17.30 -17.85
CA HIS A 74 10.06 -16.99 -19.27
C HIS A 74 10.00 -18.25 -20.14
N ARG A 75 10.59 -19.35 -19.68
CA ARG A 75 10.49 -20.64 -20.37
C ARG A 75 9.03 -21.07 -20.53
N VAL A 76 8.25 -20.92 -19.46
CA VAL A 76 6.82 -21.19 -19.52
C VAL A 76 6.14 -20.20 -20.46
N ASP A 77 6.47 -18.92 -20.30
CA ASP A 77 5.86 -17.84 -21.09
C ASP A 77 6.04 -18.06 -22.59
N LEU A 78 7.23 -18.45 -23.01
CA LEU A 78 7.48 -18.68 -24.44
C LEU A 78 6.50 -19.72 -25.03
N GLY A 79 6.33 -20.82 -24.30
CA GLY A 79 5.35 -21.85 -24.70
C GLY A 79 3.93 -21.35 -24.70
N THR A 80 3.57 -20.56 -23.68
CA THR A 80 2.22 -19.97 -23.60
C THR A 80 1.88 -19.07 -24.77
N LEU A 81 2.80 -18.16 -25.09
CA LEU A 81 2.60 -17.18 -26.12
C LEU A 81 2.55 -17.82 -27.50
N ARG A 82 3.42 -18.80 -27.73
CA ARG A 82 3.38 -19.60 -28.95
C ARG A 82 1.98 -20.16 -29.16
N GLY A 83 1.42 -20.76 -28.11
CA GLY A 83 0.03 -21.22 -28.08
C GLY A 83 -0.99 -20.14 -28.39
N TYR A 84 -0.92 -19.00 -27.70
CA TYR A 84 -1.88 -17.90 -27.84
C TYR A 84 -1.95 -17.29 -29.24
N TYR A 85 -0.80 -17.28 -29.89
CA TYR A 85 -0.65 -16.71 -31.22
C TYR A 85 -0.63 -17.76 -32.34
N ASN A 86 -0.88 -19.03 -32.00
CA ASN A 86 -1.01 -20.12 -32.99
C ASN A 86 0.24 -20.24 -33.85
N GLN A 87 1.39 -20.09 -33.23
CA GLN A 87 2.63 -20.09 -33.99
C GLN A 87 3.23 -21.48 -33.99
N SER A 88 4.09 -21.74 -34.97
CA SER A 88 4.66 -23.07 -35.11
C SER A 88 5.82 -23.28 -34.13
N GLU A 89 6.22 -24.54 -33.96
CA GLU A 89 7.34 -24.89 -33.10
C GLU A 89 8.72 -24.56 -33.66
N ALA A 90 8.80 -24.25 -34.96
CA ALA A 90 10.08 -24.05 -35.65
C ALA A 90 10.78 -22.73 -35.34
N GLY A 91 10.01 -21.66 -35.15
CA GLY A 91 10.56 -20.31 -35.11
C GLY A 91 11.04 -19.88 -33.73
N SER A 92 12.03 -19.00 -33.75
CA SER A 92 12.60 -18.37 -32.56
C SER A 92 11.76 -17.13 -32.26
N HIS A 93 11.40 -17.01 -30.98
CA HIS A 93 10.62 -15.90 -30.53
C HIS A 93 11.28 -15.29 -29.29
N THR A 94 10.89 -14.07 -28.97
CA THR A 94 11.52 -13.29 -27.88
C THR A 94 10.47 -12.82 -26.90
N VAL A 95 10.69 -13.11 -25.60
CA VAL A 95 9.92 -12.48 -24.52
C VAL A 95 10.85 -11.48 -23.79
N GLN A 96 10.37 -10.27 -23.54
CA GLN A 96 11.12 -9.29 -22.73
C GLN A 96 10.26 -8.83 -21.56
N ARG A 97 10.91 -8.58 -20.43
CA ARG A 97 10.24 -8.10 -19.23
C ARG A 97 11.14 -7.01 -18.63
N MET A 98 10.51 -5.94 -18.15
CA MET A 98 11.25 -4.91 -17.42
C MET A 98 10.40 -4.51 -16.21
N TYR A 99 11.07 -4.27 -15.09
CA TYR A 99 10.38 -3.66 -13.97
C TYR A 99 11.36 -2.85 -13.12
N GLY A 100 10.83 -1.92 -12.34
CA GLY A 100 11.68 -1.14 -11.45
C GLY A 100 10.93 0.03 -10.86
N CYS A 101 11.70 0.91 -10.22
CA CYS A 101 11.11 1.99 -9.45
C CYS A 101 11.93 3.26 -9.59
N ASP A 102 11.25 4.39 -9.57
CA ASP A 102 11.89 5.71 -9.55
C ASP A 102 11.67 6.35 -8.18
N VAL A 103 12.70 7.03 -7.71
CA VAL A 103 12.57 7.93 -6.55
C VAL A 103 12.97 9.33 -7.01
N GLY A 104 12.37 10.32 -6.36
CA GLY A 104 12.62 11.71 -6.70
C GLY A 104 13.79 12.23 -5.93
N SER A 105 14.06 13.53 -6.08
CA SER A 105 15.21 14.16 -5.40
C SER A 105 15.16 14.02 -3.86
N ASP A 106 13.98 13.78 -3.31
CA ASP A 106 13.81 13.50 -1.87
C ASP A 106 14.07 12.02 -1.49
N TRP A 107 14.42 11.21 -2.50
CA TRP A 107 14.60 9.74 -2.39
C TRP A 107 13.34 8.94 -2.03
N ARG A 108 12.18 9.57 -2.16
CA ARG A 108 10.92 8.89 -1.86
C ARG A 108 10.36 8.30 -3.15
N PHE A 109 9.58 7.26 -3.01
CA PHE A 109 8.96 6.62 -4.16
C PHE A 109 8.22 7.64 -5.05
N LEU A 110 8.51 7.57 -6.36
CA LEU A 110 7.91 8.44 -7.37
C LEU A 110 7.01 7.68 -8.34
N ARG A 111 7.54 6.57 -8.86
CA ARG A 111 6.86 5.80 -9.90
C ARG A 111 7.37 4.37 -9.91
N GLY A 112 6.50 3.43 -10.28
CA GLY A 112 6.86 2.02 -10.51
C GLY A 112 6.49 1.58 -11.91
N TYR A 113 7.14 0.52 -12.37
CA TYR A 113 6.90 -0.02 -13.71
C TYR A 113 6.97 -1.54 -13.70
N HIS A 114 6.12 -2.18 -14.49
CA HIS A 114 6.28 -3.60 -14.79
C HIS A 114 5.63 -3.93 -16.13
N GLN A 115 6.47 -4.29 -17.09
CA GLN A 115 6.03 -4.38 -18.49
C GLN A 115 6.56 -5.63 -19.16
N TYR A 116 5.77 -6.18 -20.09
CA TYR A 116 6.15 -7.36 -20.90
C TYR A 116 5.97 -7.07 -22.39
N ALA A 117 6.85 -7.63 -23.22
CA ALA A 117 6.78 -7.52 -24.70
C ALA A 117 6.99 -8.90 -25.30
N TYR A 118 6.29 -9.19 -26.39
CA TYR A 118 6.50 -10.45 -27.13
C TYR A 118 6.86 -10.07 -28.56
N ASP A 119 7.95 -10.66 -29.06
CA ASP A 119 8.48 -10.33 -30.38
C ASP A 119 8.58 -8.84 -30.65
N GLY A 120 9.03 -8.09 -29.64
CA GLY A 120 9.35 -6.68 -29.87
C GLY A 120 8.21 -5.70 -29.72
N LYS A 121 7.02 -6.20 -29.41
CA LYS A 121 5.92 -5.28 -29.15
C LYS A 121 5.21 -5.50 -27.78
N ASP A 122 4.66 -4.42 -27.25
CA ASP A 122 3.93 -4.45 -25.97
C ASP A 122 2.99 -5.64 -25.92
N TYR A 123 3.04 -6.34 -24.80
CA TYR A 123 2.10 -7.42 -24.53
C TYR A 123 1.19 -6.96 -23.40
N ILE A 124 1.74 -6.85 -22.19
CA ILE A 124 0.97 -6.37 -21.04
C ILE A 124 1.82 -5.48 -20.14
N ALA A 125 1.21 -4.44 -19.55
CA ALA A 125 1.95 -3.50 -18.68
C ALA A 125 1.11 -3.11 -17.48
N LEU A 126 1.74 -3.00 -16.32
CA LEU A 126 1.09 -2.44 -15.14
C LEU A 126 0.93 -0.93 -15.37
N LYS A 127 -0.29 -0.43 -15.17
CA LYS A 127 -0.55 1.02 -15.24
C LYS A 127 0.17 1.79 -14.13
N GLU A 128 0.25 3.12 -14.26
CA GLU A 128 1.04 3.90 -13.30
C GLU A 128 0.46 3.85 -11.89
N ASP A 129 -0.84 3.58 -11.79
CA ASP A 129 -1.53 3.43 -10.49
C ASP A 129 -1.12 2.15 -9.74
N LEU A 130 -0.39 1.26 -10.42
CA LEU A 130 0.07 -0.03 -9.87
C LEU A 130 -1.09 -0.94 -9.39
N ARG A 131 -2.27 -0.74 -9.96
CA ARG A 131 -3.46 -1.48 -9.56
C ARG A 131 -4.18 -2.14 -10.74
N SER A 132 -3.87 -1.67 -11.94
CA SER A 132 -4.54 -2.14 -13.16
C SER A 132 -3.55 -2.42 -14.29
N TRP A 133 -4.08 -3.02 -15.37
CA TRP A 133 -3.24 -3.56 -16.45
C TRP A 133 -3.65 -3.03 -17.82
N THR A 134 -2.65 -2.75 -18.66
CA THR A 134 -2.88 -2.42 -20.08
C THR A 134 -2.55 -3.62 -20.94
N ALA A 135 -3.57 -4.18 -21.60
CA ALA A 135 -3.41 -5.35 -22.47
C ALA A 135 -3.33 -4.85 -23.90
N ALA A 136 -2.23 -5.17 -24.58
CA ALA A 136 -1.95 -4.60 -25.91
C ALA A 136 -2.91 -5.10 -26.98
N ASP A 137 -3.42 -6.32 -26.80
CA ASP A 137 -4.27 -6.98 -27.78
C ASP A 137 -5.20 -8.03 -27.16
N MET A 138 -5.86 -8.81 -28.01
CA MET A 138 -6.79 -9.84 -27.56
C MET A 138 -6.15 -10.95 -26.72
N ALA A 139 -4.97 -11.44 -27.14
CA ALA A 139 -4.26 -12.44 -26.32
C ALA A 139 -3.91 -11.91 -24.93
N ALA A 140 -3.37 -10.70 -24.86
CA ALA A 140 -3.01 -10.12 -23.57
C ALA A 140 -4.20 -9.94 -22.59
N GLN A 141 -5.41 -9.75 -23.13
CA GLN A 141 -6.63 -9.65 -22.31
C GLN A 141 -6.84 -10.94 -21.50
N THR A 142 -6.46 -12.10 -22.07
CA THR A 142 -6.47 -13.37 -21.35
C THR A 142 -5.47 -13.39 -20.16
N THR A 143 -4.26 -12.91 -20.39
CA THR A 143 -3.30 -12.76 -19.31
C THR A 143 -3.82 -11.79 -18.25
N LYS A 144 -4.40 -10.68 -18.71
CA LYS A 144 -4.94 -9.67 -17.81
C LYS A 144 -5.98 -10.28 -16.86
N HIS A 145 -6.94 -11.03 -17.42
CA HIS A 145 -7.92 -11.80 -16.61
C HIS A 145 -7.27 -12.68 -15.56
N LYS A 146 -6.28 -13.49 -15.98
CA LYS A 146 -5.58 -14.39 -15.09
C LYS A 146 -4.95 -13.59 -13.94
N TRP A 147 -4.28 -12.51 -14.29
CA TRP A 147 -3.52 -11.75 -13.31
C TRP A 147 -4.38 -10.95 -12.34
N GLU A 148 -5.52 -10.47 -12.84
CA GLU A 148 -6.50 -9.78 -12.01
C GLU A 148 -7.10 -10.68 -10.93
N ALA A 149 -7.42 -11.92 -11.33
CA ALA A 149 -7.97 -12.94 -10.42
C ALA A 149 -6.94 -13.43 -9.40
N ALA A 150 -5.66 -13.46 -9.79
CA ALA A 150 -4.57 -13.87 -8.90
C ALA A 150 -3.95 -12.71 -8.11
N HIS A 151 -4.52 -11.51 -8.27
CA HIS A 151 -4.09 -10.30 -7.55
C HIS A 151 -2.58 -10.04 -7.70
N VAL A 152 -2.07 -10.27 -8.92
CA VAL A 152 -0.64 -10.11 -9.21
C VAL A 152 -0.17 -8.68 -9.01
N ALA A 153 -1.01 -7.72 -9.41
CA ALA A 153 -0.72 -6.29 -9.24
C ALA A 153 -0.49 -5.88 -7.79
N GLU A 154 -1.25 -6.47 -6.87
CA GLU A 154 -1.09 -6.16 -5.45
C GLU A 154 0.32 -6.52 -4.97
N GLN A 155 0.78 -7.70 -5.35
CA GLN A 155 2.14 -8.14 -5.00
C GLN A 155 3.23 -7.27 -5.66
N LEU A 156 3.02 -6.89 -6.91
CA LEU A 156 3.96 -5.98 -7.57
C LEU A 156 3.95 -4.59 -6.94
N ARG A 157 2.76 -4.08 -6.63
CA ARG A 157 2.67 -2.76 -6.00
C ARG A 157 3.51 -2.74 -4.72
N ALA A 158 3.36 -3.77 -3.89
CA ALA A 158 4.06 -3.83 -2.58
C ALA A 158 5.57 -3.84 -2.77
N TYR A 159 6.05 -4.57 -3.77
CA TYR A 159 7.47 -4.54 -4.11
C TYR A 159 7.91 -3.17 -4.65
N LEU A 160 7.20 -2.65 -5.64
CA LEU A 160 7.64 -1.44 -6.30
C LEU A 160 7.65 -0.22 -5.37
N GLU A 161 6.67 -0.14 -4.47
CA GLU A 161 6.56 0.97 -3.51
C GLU A 161 7.41 0.75 -2.26
N GLY A 162 7.89 -0.47 -2.06
CA GLY A 162 8.55 -0.82 -0.79
C GLY A 162 9.94 -1.32 -1.03
N THR A 163 10.09 -2.64 -1.14
CA THR A 163 11.40 -3.23 -1.21
C THR A 163 12.25 -2.66 -2.38
N CYS A 164 11.62 -2.38 -3.53
CA CYS A 164 12.34 -1.78 -4.66
C CYS A 164 13.08 -0.51 -4.26
N VAL A 165 12.35 0.38 -3.60
CA VAL A 165 12.91 1.68 -3.22
C VAL A 165 13.87 1.57 -2.05
N GLU A 166 13.59 0.66 -1.11
CA GLU A 166 14.49 0.41 0.01
C GLU A 166 15.84 -0.10 -0.50
N TRP A 167 15.82 -1.03 -1.46
CA TRP A 167 17.06 -1.55 -2.01
C TRP A 167 17.77 -0.47 -2.85
N LEU A 168 17.01 0.30 -3.60
CA LEU A 168 17.60 1.41 -4.35
C LEU A 168 18.35 2.36 -3.42
N ARG A 169 17.71 2.73 -2.33
CA ARG A 169 18.38 3.63 -1.37
C ARG A 169 19.63 2.99 -0.76
N ARG A 170 19.55 1.69 -0.43
CA ARG A 170 20.72 0.95 0.04
C ARG A 170 21.87 1.00 -0.98
N TYR A 171 21.58 0.69 -2.23
CA TYR A 171 22.60 0.73 -3.27
C TYR A 171 23.20 2.13 -3.44
N LEU A 172 22.34 3.15 -3.38
CA LEU A 172 22.84 4.55 -3.52
C LEU A 172 23.87 4.86 -2.44
N GLU A 173 23.58 4.42 -1.22
CA GLU A 173 24.50 4.67 -0.10
C GLU A 173 25.77 3.81 -0.23
N ASN A 174 25.62 2.51 -0.50
CA ASN A 174 26.78 1.63 -0.62
C ASN A 174 27.67 1.92 -1.84
N GLY A 175 27.07 2.48 -2.88
CA GLY A 175 27.80 2.85 -4.09
C GLY A 175 27.90 4.34 -4.30
N LYS A 176 27.87 5.10 -3.21
CA LYS A 176 27.90 6.58 -3.28
C LYS A 176 28.99 7.16 -4.19
N GLU A 177 30.20 6.60 -4.14
CA GLU A 177 31.31 6.98 -5.01
C GLU A 177 30.94 6.84 -6.51
N THR A 178 30.21 5.78 -6.84
CA THR A 178 29.85 5.42 -8.23
C THR A 178 28.52 6.05 -8.69
N LEU A 179 27.55 6.18 -7.78
CA LEU A 179 26.17 6.48 -8.14
C LEU A 179 25.67 7.88 -7.81
N GLN A 180 26.22 8.49 -6.76
CA GLN A 180 25.77 9.83 -6.34
C GLN A 180 26.71 10.88 -6.95
N ARG A 181 27.48 10.44 -7.94
CA ARG A 181 28.51 11.22 -8.61
C ARG A 181 27.94 11.82 -9.89
N THR A 182 28.53 12.93 -10.35
CA THR A 182 28.37 13.32 -11.76
C THR A 182 29.77 13.50 -12.35
N ASP A 183 29.93 13.13 -13.62
CA ASP A 183 31.16 13.38 -14.35
C ASP A 183 30.70 14.39 -15.42
N ALA A 184 31.19 15.63 -15.32
CA ALA A 184 30.82 16.69 -16.28
C ALA A 184 31.48 16.36 -17.59
N PRO A 185 30.82 16.73 -18.70
CA PRO A 185 31.45 16.42 -19.98
C PRO A 185 32.74 17.21 -20.16
N LYS A 186 33.76 16.53 -20.66
CA LYS A 186 34.95 17.19 -21.21
C LYS A 186 34.59 17.49 -22.66
N THR A 187 34.72 18.76 -23.04
CA THR A 187 34.28 19.19 -24.35
C THR A 187 35.45 19.67 -25.21
N HIS A 188 35.33 19.45 -26.52
CA HIS A 188 36.19 20.11 -27.49
C HIS A 188 35.48 20.24 -28.82
N MET A 189 36.14 20.94 -29.74
CA MET A 189 35.63 21.16 -31.07
C MET A 189 36.75 20.86 -32.06
N THR A 190 36.35 20.31 -33.20
CA THR A 190 37.26 20.04 -34.28
C THR A 190 36.69 20.74 -35.53
N HIS A 191 37.61 21.08 -36.43
CA HIS A 191 37.28 21.79 -37.64
C HIS A 191 38.03 21.05 -38.74
N HIS A 192 37.30 20.69 -39.79
CA HIS A 192 37.82 19.84 -40.86
C HIS A 192 37.19 20.31 -42.16
N ALA A 193 38.03 20.74 -43.09
CA ALA A 193 37.56 21.21 -44.39
C ALA A 193 37.05 20.04 -45.21
N VAL A 194 35.81 20.13 -45.68
CA VAL A 194 35.23 19.03 -46.46
C VAL A 194 35.29 19.36 -47.96
N SER A 195 35.57 20.64 -48.26
CA SER A 195 35.84 21.15 -49.62
C SER A 195 36.53 22.51 -49.50
N ASP A 196 36.75 23.17 -50.64
CA ASP A 196 37.34 24.52 -50.63
C ASP A 196 36.41 25.59 -50.04
N HIS A 197 35.11 25.30 -49.95
CA HIS A 197 34.15 26.31 -49.50
C HIS A 197 33.24 25.90 -48.33
N GLU A 198 33.51 24.73 -47.73
CA GLU A 198 32.74 24.26 -46.56
C GLU A 198 33.66 23.59 -45.53
N ALA A 199 33.26 23.66 -44.26
CA ALA A 199 34.01 23.00 -43.21
C ALA A 199 33.04 22.37 -42.23
N THR A 200 33.45 21.27 -41.63
CA THR A 200 32.66 20.63 -40.58
C THR A 200 33.10 21.11 -39.23
N LEU A 201 32.17 21.65 -38.43
CA LEU A 201 32.44 21.86 -37.01
C LEU A 201 31.78 20.74 -36.23
N ARG A 202 32.58 20.03 -35.42
CA ARG A 202 32.09 18.92 -34.58
C ARG A 202 32.26 19.29 -33.11
N CYS A 203 31.18 19.28 -32.36
CA CYS A 203 31.22 19.66 -30.96
C CYS A 203 31.12 18.36 -30.15
N TRP A 204 32.11 18.13 -29.30
CA TRP A 204 32.24 16.86 -28.60
C TRP A 204 31.95 16.98 -27.10
N ALA A 205 31.27 15.96 -26.56
CA ALA A 205 31.09 15.81 -25.12
C ALA A 205 31.60 14.43 -24.78
N LEU A 206 32.62 14.34 -23.92
CA LEU A 206 33.22 13.07 -23.53
C LEU A 206 33.28 12.82 -22.03
N SER A 207 33.30 11.55 -21.63
CA SER A 207 33.61 11.15 -20.27
C SER A 207 32.59 11.72 -19.26
N PHE A 208 31.31 11.77 -19.68
CA PHE A 208 30.25 12.27 -18.79
C PHE A 208 29.34 11.17 -18.21
N TYR A 209 28.72 11.52 -17.11
CA TYR A 209 27.81 10.62 -16.39
C TYR A 209 26.94 11.52 -15.51
N PRO A 210 25.61 11.28 -15.49
CA PRO A 210 24.88 10.22 -16.21
C PRO A 210 24.75 10.49 -17.73
N ALA A 211 24.10 9.59 -18.46
CA ALA A 211 24.05 9.65 -19.90
C ALA A 211 23.28 10.86 -20.47
N GLU A 212 22.31 11.36 -19.71
CA GLU A 212 21.44 12.46 -20.15
C GLU A 212 22.28 13.71 -20.45
N ILE A 213 22.15 14.24 -21.66
CA ILE A 213 22.89 15.45 -22.06
C ILE A 213 22.09 16.11 -23.19
N THR A 214 22.25 17.42 -23.32
CA THR A 214 21.70 18.15 -24.46
C THR A 214 22.83 18.90 -25.14
N LEU A 215 23.01 18.60 -26.43
CA LEU A 215 24.07 19.18 -27.26
C LEU A 215 23.40 19.79 -28.50
N THR A 216 23.53 21.10 -28.70
CA THR A 216 22.89 21.73 -29.84
C THR A 216 23.79 22.78 -30.47
N TRP A 217 23.55 23.05 -31.75
CA TRP A 217 24.24 24.14 -32.45
C TRP A 217 23.27 25.28 -32.68
N GLN A 218 23.77 26.51 -32.56
CA GLN A 218 23.02 27.70 -32.93
C GLN A 218 23.77 28.46 -34.03
N ARG A 219 23.01 29.12 -34.93
CA ARG A 219 23.60 30.06 -35.88
C ARG A 219 22.96 31.42 -35.64
N ASP A 220 23.80 32.39 -35.25
CA ASP A 220 23.34 33.71 -34.82
C ASP A 220 22.27 33.59 -33.73
N GLY A 221 22.47 32.63 -32.83
CA GLY A 221 21.52 32.36 -31.76
C GLY A 221 20.27 31.59 -32.12
N GLU A 222 20.11 31.21 -33.39
CA GLU A 222 18.96 30.44 -33.83
C GLU A 222 19.27 28.95 -33.90
N ASP A 223 18.39 28.13 -33.31
CA ASP A 223 18.59 26.68 -33.28
C ASP A 223 18.74 26.10 -34.68
N GLN A 224 19.67 25.16 -34.83
CA GLN A 224 19.97 24.54 -36.13
C GLN A 224 19.58 23.06 -36.16
N THR A 225 18.47 22.73 -35.51
CA THR A 225 18.01 21.34 -35.36
C THR A 225 18.08 20.52 -36.65
N GLN A 226 17.45 21.04 -37.71
CA GLN A 226 17.34 20.31 -38.96
C GLN A 226 18.60 20.37 -39.81
N ASP A 227 19.65 20.98 -39.28
CA ASP A 227 20.90 21.10 -39.99
C ASP A 227 22.06 20.55 -39.18
N THR A 228 21.74 19.84 -38.11
CA THR A 228 22.76 19.36 -37.19
C THR A 228 22.79 17.85 -37.30
N GLU A 229 23.97 17.28 -37.45
CA GLU A 229 24.17 15.83 -37.38
C GLU A 229 24.44 15.45 -35.91
N LEU A 230 23.58 14.62 -35.31
CA LEU A 230 23.65 14.32 -33.88
C LEU A 230 23.73 12.82 -33.76
N VAL A 231 24.81 12.30 -33.17
CA VAL A 231 24.88 10.87 -32.91
C VAL A 231 24.19 10.51 -31.60
N GLU A 232 23.69 9.28 -31.53
CA GLU A 232 23.11 8.77 -30.31
C GLU A 232 24.18 8.74 -29.22
N THR A 233 23.78 9.09 -27.99
CA THR A 233 24.71 9.00 -26.85
C THR A 233 25.24 7.56 -26.70
N ARG A 234 26.54 7.39 -26.50
CA ARG A 234 27.13 6.06 -26.62
C ARG A 234 28.06 5.80 -25.42
N PRO A 235 28.08 4.53 -24.96
CA PRO A 235 28.91 4.23 -23.78
C PRO A 235 30.40 4.21 -24.14
N ALA A 236 31.24 4.77 -23.28
CA ALA A 236 32.69 4.68 -23.51
C ALA A 236 33.31 3.33 -23.13
N GLY A 237 32.62 2.55 -22.30
CA GLY A 237 33.17 1.26 -21.88
C GLY A 237 33.67 1.31 -20.44
N ASP A 238 33.89 2.53 -19.95
CA ASP A 238 34.41 2.73 -18.58
C ASP A 238 33.38 3.31 -17.61
N GLY A 239 32.09 3.27 -17.99
CA GLY A 239 31.02 3.78 -17.16
C GLY A 239 30.63 5.21 -17.51
N THR A 240 31.35 5.82 -18.45
CA THR A 240 31.03 7.18 -18.89
C THR A 240 30.41 7.11 -20.29
N PHE A 241 29.87 8.24 -20.74
CA PHE A 241 29.24 8.36 -22.05
C PHE A 241 29.89 9.44 -22.92
N GLN A 242 29.60 9.35 -24.23
CA GLN A 242 30.11 10.29 -25.23
C GLN A 242 28.97 10.67 -26.16
N LYS A 243 29.11 11.85 -26.78
CA LYS A 243 28.19 12.28 -27.82
C LYS A 243 28.85 13.40 -28.60
N TRP A 244 28.49 13.53 -29.88
CA TRP A 244 28.86 14.72 -30.62
C TRP A 244 27.75 15.26 -31.51
N ALA A 245 27.88 16.53 -31.89
CA ALA A 245 26.93 17.20 -32.77
C ALA A 245 27.77 17.97 -33.80
N ALA A 246 27.43 17.85 -35.09
CA ALA A 246 28.20 18.54 -36.14
C ALA A 246 27.34 19.38 -37.06
N VAL A 247 27.91 20.48 -37.52
CA VAL A 247 27.29 21.30 -38.56
C VAL A 247 28.32 21.51 -39.66
N VAL A 248 27.82 21.56 -40.89
CA VAL A 248 28.67 21.90 -42.01
C VAL A 248 28.45 23.39 -42.22
N VAL A 249 29.53 24.14 -42.13
CA VAL A 249 29.45 25.59 -42.22
C VAL A 249 30.12 26.10 -43.50
N PRO A 250 29.53 27.13 -44.13
CA PRO A 250 30.24 27.72 -45.25
C PRO A 250 31.55 28.32 -44.74
N SER A 251 32.66 28.03 -45.41
CA SER A 251 33.98 28.56 -45.02
C SER A 251 33.90 30.06 -44.92
N GLY A 252 34.33 30.60 -43.78
CA GLY A 252 34.19 32.01 -43.46
C GLY A 252 33.11 32.38 -42.46
N GLN A 253 32.17 31.47 -42.20
CA GLN A 253 31.05 31.75 -41.27
C GLN A 253 31.18 31.08 -39.89
N GLU A 254 32.35 30.53 -39.58
CA GLU A 254 32.58 29.80 -38.34
C GLU A 254 32.14 30.56 -37.09
N GLN A 255 32.36 31.88 -37.08
CA GLN A 255 32.03 32.70 -35.88
C GLN A 255 30.54 32.88 -35.61
N ARG A 256 29.67 32.51 -36.57
CA ARG A 256 28.23 32.67 -36.39
C ARG A 256 27.68 31.55 -35.51
N TYR A 257 28.47 30.48 -35.37
CA TYR A 257 27.93 29.25 -34.81
C TYR A 257 28.36 29.06 -33.37
N THR A 258 27.42 28.62 -32.54
CA THR A 258 27.77 28.28 -31.17
C THR A 258 27.23 26.90 -30.84
N CYS A 259 28.02 26.16 -30.08
CA CYS A 259 27.61 24.86 -29.55
C CYS A 259 27.19 25.04 -28.09
N HIS A 260 26.06 24.47 -27.72
CA HIS A 260 25.53 24.61 -26.37
C HIS A 260 25.44 23.24 -25.71
N VAL A 261 26.03 23.14 -24.50
CA VAL A 261 26.10 21.86 -23.78
C VAL A 261 25.36 22.02 -22.46
N GLN A 262 24.39 21.15 -22.23
CA GLN A 262 23.69 21.12 -20.95
C GLN A 262 23.88 19.73 -20.34
N HIS A 263 24.39 19.71 -19.11
CA HIS A 263 24.61 18.46 -18.42
C HIS A 263 24.62 18.70 -16.92
N GLU A 264 24.03 17.77 -16.18
CA GLU A 264 23.92 17.92 -14.71
C GLU A 264 25.27 18.19 -14.03
N GLY A 265 26.35 17.67 -14.59
CA GLY A 265 27.67 17.84 -13.99
C GLY A 265 28.29 19.22 -14.27
N LEU A 266 27.64 20.03 -15.09
CA LEU A 266 28.19 21.37 -15.39
C LEU A 266 27.70 22.38 -14.37
N PRO A 267 28.56 23.35 -13.95
CA PRO A 267 28.08 24.38 -13.00
C PRO A 267 27.05 25.34 -13.63
N LYS A 268 27.14 25.51 -14.96
CA LYS A 268 26.23 26.31 -15.79
C LYS A 268 26.33 25.75 -17.23
N PRO A 269 25.30 25.95 -18.05
CA PRO A 269 25.41 25.42 -19.43
C PRO A 269 26.60 26.06 -20.14
N LEU A 270 27.25 25.29 -21.01
CA LEU A 270 28.42 25.77 -21.76
C LEU A 270 28.01 26.33 -23.13
N THR A 271 28.72 27.38 -23.54
CA THR A 271 28.64 27.89 -24.91
C THR A 271 30.04 27.85 -25.50
N LEU A 272 30.19 27.10 -26.59
CA LEU A 272 31.48 26.95 -27.24
C LEU A 272 31.38 27.53 -28.65
N ARG A 273 32.50 28.07 -29.09
CA ARG A 273 32.58 28.72 -30.39
C ARG A 273 33.93 28.33 -30.96
N TRP A 274 34.00 28.24 -32.27
CA TRP A 274 35.27 28.21 -32.96
C TRP A 274 35.64 29.68 -33.13
N GLU A 275 36.60 30.15 -32.35
CA GLU A 275 37.13 31.54 -32.40
C GLU A 275 36.22 32.68 -32.85
N PRO A 276 35.12 32.53 -33.41
N MET B 1 7.01 -10.73 -38.30
CA MET B 1 7.28 -10.02 -37.00
C MET B 1 8.24 -8.88 -37.13
N ILE B 2 8.30 -8.10 -36.06
CA ILE B 2 9.08 -6.86 -35.98
C ILE B 2 10.54 -7.18 -36.25
N GLN B 3 11.18 -6.32 -37.05
CA GLN B 3 12.61 -6.41 -37.30
C GLN B 3 13.08 -4.99 -37.42
N ARG B 4 14.05 -4.61 -36.57
CA ARG B 4 14.59 -3.26 -36.57
C ARG B 4 16.09 -3.36 -36.78
N THR B 5 16.61 -2.51 -37.65
CA THR B 5 18.00 -2.56 -38.08
C THR B 5 18.92 -1.91 -37.04
N PRO B 6 20.11 -2.52 -36.78
CA PRO B 6 21.00 -1.90 -35.79
C PRO B 6 21.56 -0.58 -36.28
N LYS B 7 21.52 0.44 -35.42
CA LYS B 7 22.41 1.59 -35.58
C LYS B 7 23.82 1.12 -35.22
N ILE B 8 24.85 1.64 -35.89
CA ILE B 8 26.22 1.16 -35.65
C ILE B 8 27.14 2.35 -35.48
N GLN B 9 27.89 2.38 -34.37
CA GLN B 9 28.93 3.42 -34.20
C GLN B 9 30.20 2.72 -33.83
N VAL B 10 31.32 3.12 -34.45
CA VAL B 10 32.63 2.51 -34.18
C VAL B 10 33.52 3.65 -33.73
N TYR B 11 34.22 3.48 -32.61
CA TYR B 11 34.90 4.60 -31.97
C TYR B 11 35.84 4.10 -30.89
N SER B 12 36.65 5.00 -30.37
CA SER B 12 37.58 4.64 -29.31
C SER B 12 37.10 5.15 -27.95
N ARG B 13 37.50 4.46 -26.86
CA ARG B 13 37.09 4.89 -25.51
C ARG B 13 37.67 6.25 -25.15
N HIS B 14 38.95 6.42 -25.50
CA HIS B 14 39.70 7.64 -25.25
C HIS B 14 40.03 8.31 -26.59
N PRO B 15 40.21 9.64 -26.61
CA PRO B 15 40.66 10.28 -27.84
C PRO B 15 41.91 9.58 -28.35
N ALA B 16 41.91 9.20 -29.63
CA ALA B 16 43.00 8.36 -30.15
C ALA B 16 44.33 9.14 -30.16
N GLU B 17 45.38 8.49 -29.65
CA GLU B 17 46.73 9.06 -29.70
C GLU B 17 47.65 7.93 -30.13
N ASN B 18 48.35 8.08 -31.24
CA ASN B 18 49.15 7.00 -31.78
C ASN B 18 50.16 6.46 -30.75
N GLY B 19 50.22 5.14 -30.65
CA GLY B 19 51.15 4.47 -29.73
C GLY B 19 50.67 4.49 -28.28
N LYS B 20 49.46 5.00 -28.03
CA LYS B 20 48.88 4.98 -26.68
C LYS B 20 47.69 4.01 -26.54
N SER B 21 47.72 3.19 -25.49
CA SER B 21 46.76 2.10 -25.35
C SER B 21 45.36 2.67 -25.13
N ASN B 22 44.37 1.91 -25.58
CA ASN B 22 42.99 2.42 -25.72
C ASN B 22 42.06 1.23 -25.87
N PHE B 23 40.77 1.51 -26.08
CA PHE B 23 39.81 0.45 -26.41
C PHE B 23 39.08 0.88 -27.66
N LEU B 24 38.96 -0.05 -28.58
CA LEU B 24 38.15 0.11 -29.77
C LEU B 24 36.77 -0.42 -29.45
N ASN B 25 35.77 0.40 -29.74
CA ASN B 25 34.36 0.09 -29.46
C ASN B 25 33.55 -0.03 -30.74
N CYS B 26 32.63 -0.98 -30.75
CA CYS B 26 31.53 -0.97 -31.72
C CYS B 26 30.21 -1.07 -30.97
N TYR B 27 29.45 0.02 -30.99
CA TYR B 27 28.17 0.08 -30.30
C TYR B 27 27.02 -0.18 -31.29
N VAL B 28 26.23 -1.21 -31.03
CA VAL B 28 25.06 -1.52 -31.89
C VAL B 28 23.82 -1.32 -31.05
N SER B 29 22.80 -0.67 -31.61
CA SER B 29 21.65 -0.33 -30.81
C SER B 29 20.40 -0.22 -31.70
N GLY B 30 19.23 -0.23 -31.07
CA GLY B 30 17.98 -0.02 -31.80
C GLY B 30 17.53 -1.21 -32.62
N PHE B 31 18.14 -2.39 -32.39
CA PHE B 31 17.84 -3.56 -33.23
C PHE B 31 16.87 -4.57 -32.56
N HIS B 32 16.21 -5.36 -33.40
CA HIS B 32 15.34 -6.44 -32.96
C HIS B 32 15.18 -7.35 -34.17
N PRO B 33 15.24 -8.67 -33.97
CA PRO B 33 15.48 -9.46 -32.75
C PRO B 33 16.93 -9.32 -32.30
N SER B 34 17.29 -9.98 -31.19
CA SER B 34 18.59 -9.78 -30.54
C SER B 34 19.77 -10.53 -31.15
N ASP B 35 19.51 -11.57 -31.95
CA ASP B 35 20.61 -12.29 -32.66
C ASP B 35 21.36 -11.30 -33.54
N ILE B 36 22.65 -11.13 -33.29
CA ILE B 36 23.45 -10.19 -34.05
C ILE B 36 24.90 -10.69 -34.06
N GLU B 37 25.57 -10.48 -35.18
CA GLU B 37 26.99 -10.84 -35.29
C GLU B 37 27.80 -9.54 -35.42
N VAL B 38 28.77 -9.34 -34.54
CA VAL B 38 29.60 -8.12 -34.61
C VAL B 38 31.07 -8.49 -34.53
N ASP B 39 31.84 -8.09 -35.55
CA ASP B 39 33.30 -8.27 -35.53
C ASP B 39 34.03 -6.95 -35.60
N LEU B 40 35.13 -6.86 -34.85
CA LEU B 40 36.03 -5.74 -34.99
C LEU B 40 37.14 -6.19 -35.94
N LEU B 41 37.54 -5.31 -36.86
CA LEU B 41 38.55 -5.62 -37.88
C LEU B 41 39.76 -4.71 -37.79
N LYS B 42 40.93 -5.31 -38.01
CA LYS B 42 42.19 -4.60 -38.12
C LYS B 42 42.76 -4.92 -39.50
N ASN B 43 42.82 -3.90 -40.36
CA ASN B 43 43.33 -4.02 -41.71
C ASN B 43 42.55 -5.08 -42.50
N GLY B 44 41.25 -5.16 -42.17
CA GLY B 44 40.31 -6.03 -42.87
C GLY B 44 40.16 -7.43 -42.31
N GLU B 45 40.89 -7.74 -41.25
CA GLU B 45 40.90 -9.08 -40.66
C GLU B 45 40.33 -9.09 -39.23
N ARG B 46 39.57 -10.14 -38.93
CA ARG B 46 38.86 -10.28 -37.66
C ARG B 46 39.81 -10.32 -36.47
N ILE B 47 39.58 -9.41 -35.53
CA ILE B 47 40.29 -9.38 -34.27
C ILE B 47 39.73 -10.46 -33.33
N GLU B 48 40.62 -11.30 -32.81
CA GLU B 48 40.20 -12.49 -32.06
C GLU B 48 39.61 -12.22 -30.68
N LYS B 49 40.25 -11.35 -29.90
CA LYS B 49 39.83 -11.19 -28.51
C LYS B 49 38.89 -10.01 -28.35
N VAL B 50 37.61 -10.22 -28.66
CA VAL B 50 36.63 -9.13 -28.55
C VAL B 50 35.60 -9.55 -27.50
N GLU B 51 35.29 -8.62 -26.59
CA GLU B 51 34.28 -8.89 -25.59
C GLU B 51 33.05 -8.06 -25.90
N HIS B 52 31.97 -8.36 -25.21
CA HIS B 52 30.77 -7.53 -25.31
C HIS B 52 30.04 -7.40 -23.99
N SER B 53 29.20 -6.37 -23.93
CA SER B 53 28.37 -6.11 -22.77
C SER B 53 27.23 -7.12 -22.73
N ASP B 54 26.57 -7.19 -21.59
CA ASP B 54 25.44 -8.06 -21.41
C ASP B 54 24.26 -7.46 -22.12
N LEU B 55 23.57 -8.29 -22.89
CA LEU B 55 22.38 -7.86 -23.63
C LEU B 55 21.38 -7.13 -22.76
N SER B 56 21.02 -5.92 -23.20
CA SER B 56 20.04 -5.11 -22.53
C SER B 56 19.16 -4.41 -23.59
N PHE B 57 18.17 -3.65 -23.14
CA PHE B 57 17.29 -3.00 -24.09
C PHE B 57 16.73 -1.67 -23.61
N SER B 58 16.22 -0.89 -24.56
CA SER B 58 15.66 0.43 -24.30
C SER B 58 14.15 0.42 -24.01
N LYS B 59 13.61 1.57 -23.61
CA LYS B 59 12.17 1.63 -23.31
C LYS B 59 11.28 1.16 -24.48
N ASP B 60 11.76 1.31 -25.72
CA ASP B 60 11.02 0.86 -26.89
C ASP B 60 11.26 -0.65 -27.24
N TRP B 61 11.97 -1.34 -26.34
CA TRP B 61 12.24 -2.79 -26.42
C TRP B 61 13.40 -3.16 -27.33
N SER B 62 13.98 -2.17 -28.00
CA SER B 62 15.07 -2.47 -28.92
C SER B 62 16.36 -2.71 -28.13
N PHE B 63 17.21 -3.59 -28.68
CA PHE B 63 18.40 -4.06 -27.94
C PHE B 63 19.62 -3.18 -28.17
N TYR B 64 20.57 -3.22 -27.23
CA TYR B 64 21.87 -2.59 -27.50
C TYR B 64 22.98 -3.40 -26.85
N LEU B 65 24.12 -3.37 -27.52
CA LEU B 65 25.31 -4.07 -27.09
C LEU B 65 26.53 -3.25 -27.44
N LEU B 66 27.54 -3.37 -26.60
CA LEU B 66 28.82 -2.76 -26.86
C LEU B 66 29.84 -3.86 -26.98
N TYR B 67 30.50 -3.91 -28.14
CA TYR B 67 31.63 -4.81 -28.38
C TYR B 67 32.94 -4.05 -28.30
N TYR B 68 33.95 -4.65 -27.70
CA TYR B 68 35.14 -3.86 -27.41
C TYR B 68 36.37 -4.73 -27.29
N THR B 69 37.51 -4.12 -27.59
CA THR B 69 38.78 -4.82 -27.45
C THR B 69 39.87 -3.77 -27.19
N GLU B 70 40.91 -4.18 -26.47
CA GLU B 70 42.12 -3.36 -26.35
C GLU B 70 42.77 -3.18 -27.70
N PHE B 71 43.30 -1.98 -27.92
CA PHE B 71 44.03 -1.64 -29.14
C PHE B 71 44.92 -0.41 -28.89
N THR B 72 46.04 -0.36 -29.60
CA THR B 72 46.90 0.81 -29.57
C THR B 72 46.90 1.41 -30.98
N PRO B 73 46.20 2.55 -31.18
CA PRO B 73 46.18 3.05 -32.55
C PRO B 73 47.56 3.46 -33.09
N THR B 74 47.74 3.33 -34.40
CA THR B 74 48.91 3.85 -35.10
C THR B 74 48.43 4.75 -36.24
N GLU B 75 49.37 5.44 -36.88
CA GLU B 75 49.01 6.32 -38.01
C GLU B 75 48.34 5.55 -39.15
N LYS B 76 48.80 4.31 -39.38
CA LYS B 76 48.43 3.59 -40.59
C LYS B 76 47.48 2.40 -40.41
N ASP B 77 47.37 1.85 -39.20
CA ASP B 77 46.44 0.74 -39.00
C ASP B 77 45.01 1.25 -39.15
N GLU B 78 44.22 0.50 -39.90
CA GLU B 78 42.84 0.83 -40.19
C GLU B 78 41.95 -0.11 -39.39
N TYR B 79 40.92 0.45 -38.76
CA TYR B 79 40.00 -0.38 -38.00
C TYR B 79 38.60 -0.22 -38.56
N ALA B 80 37.76 -1.22 -38.34
CA ALA B 80 36.37 -1.19 -38.77
C ALA B 80 35.54 -2.13 -37.90
N CYS B 81 34.21 -2.00 -37.99
CA CYS B 81 33.28 -2.93 -37.36
C CYS B 81 32.47 -3.57 -38.48
N ARG B 82 32.20 -4.86 -38.38
CA ARG B 82 31.41 -5.54 -39.40
C ARG B 82 30.23 -6.20 -38.71
N VAL B 83 29.03 -5.85 -39.15
CA VAL B 83 27.82 -6.22 -38.43
C VAL B 83 26.91 -7.02 -39.34
N ASN B 84 26.39 -8.15 -38.84
CA ASN B 84 25.32 -8.81 -39.57
C ASN B 84 24.12 -9.07 -38.67
N HIS B 85 22.96 -8.99 -39.30
CA HIS B 85 21.67 -9.03 -38.63
C HIS B 85 20.64 -9.43 -39.70
N VAL B 86 19.49 -9.93 -39.26
CA VAL B 86 18.46 -10.39 -40.21
C VAL B 86 17.98 -9.27 -41.15
N THR B 87 18.07 -8.02 -40.70
CA THR B 87 17.64 -6.85 -41.45
C THR B 87 18.65 -6.41 -42.50
N LEU B 88 19.83 -7.04 -42.53
CA LEU B 88 20.88 -6.65 -43.47
C LEU B 88 21.05 -7.79 -44.47
N SER B 89 21.00 -7.45 -45.76
CA SER B 89 21.16 -8.45 -46.81
C SER B 89 22.61 -8.91 -46.96
N GLN B 90 23.53 -8.07 -46.50
CA GLN B 90 24.95 -8.40 -46.46
C GLN B 90 25.57 -7.69 -45.25
N PRO B 91 26.69 -8.22 -44.74
CA PRO B 91 27.34 -7.57 -43.60
C PRO B 91 27.58 -6.09 -43.87
N LYS B 92 27.31 -5.26 -42.85
CA LYS B 92 27.50 -3.82 -42.97
C LYS B 92 28.83 -3.47 -42.30
N ILE B 93 29.67 -2.75 -43.03
CA ILE B 93 31.00 -2.39 -42.55
C ILE B 93 31.11 -0.89 -42.37
N VAL B 94 31.42 -0.48 -41.13
CA VAL B 94 31.61 0.90 -40.79
C VAL B 94 33.07 1.08 -40.37
N LYS B 95 33.73 2.04 -41.01
CA LYS B 95 35.15 2.26 -40.77
C LYS B 95 35.36 3.18 -39.56
N TRP B 96 36.37 2.86 -38.75
CA TRP B 96 36.76 3.77 -37.66
C TRP B 96 37.42 5.03 -38.20
N ASP B 97 36.88 6.18 -37.76
CA ASP B 97 37.45 7.49 -37.98
C ASP B 97 37.68 8.09 -36.60
N ARG B 98 38.93 8.46 -36.29
CA ARG B 98 39.25 8.91 -34.92
C ARG B 98 38.54 10.22 -34.49
N ASP B 99 37.95 10.95 -35.44
CA ASP B 99 37.13 12.11 -35.07
C ASP B 99 35.62 11.92 -35.24
N MET B 100 35.15 10.69 -35.01
CA MET B 100 33.73 10.35 -35.10
C MET B 100 33.35 9.33 -34.03
N SER C 1 17.60 -5.45 -5.54
CA SER C 1 17.18 -6.84 -5.19
C SER C 1 15.94 -7.23 -6.04
N LEU C 2 15.93 -8.44 -6.56
CA LEU C 2 14.83 -8.85 -7.46
C LEU C 2 13.51 -9.07 -6.73
N PHE C 3 12.42 -8.84 -7.45
CA PHE C 3 11.09 -9.23 -7.05
C PHE C 3 11.02 -10.75 -6.83
N ASN C 4 10.22 -11.22 -5.87
CA ASN C 4 9.95 -12.66 -5.77
C ASN C 4 8.84 -13.02 -6.76
N THR C 5 9.21 -13.28 -8.02
CA THR C 5 8.21 -13.45 -9.10
C THR C 5 7.46 -14.78 -8.97
N VAL C 6 6.18 -14.76 -9.27
CA VAL C 6 5.36 -15.99 -9.17
C VAL C 6 4.52 -16.29 -10.42
N ALA C 7 3.94 -15.26 -11.02
CA ALA C 7 2.98 -15.42 -12.10
C ALA C 7 3.67 -15.65 -13.43
N THR C 8 3.02 -16.44 -14.28
CA THR C 8 3.40 -16.59 -15.66
C THR C 8 2.28 -15.98 -16.49
N LEU C 9 2.56 -15.60 -17.73
CA LEU C 9 1.54 -15.04 -18.63
C LEU C 9 0.37 -16.00 -18.83
N GLY D 1 -13.33 -8.01 6.16
CA GLY D 1 -13.21 -8.73 7.47
C GLY D 1 -14.55 -9.35 7.84
N SER D 2 -14.68 -9.82 9.08
CA SER D 2 -15.96 -10.36 9.58
C SER D 2 -16.92 -9.24 9.94
N HIS D 3 -18.22 -9.57 9.90
CA HIS D 3 -19.24 -8.58 10.17
C HIS D 3 -20.36 -9.16 10.99
N SER D 4 -21.20 -8.28 11.53
CA SER D 4 -22.35 -8.73 12.33
C SER D 4 -23.48 -7.73 12.18
N MET D 5 -24.71 -8.21 12.32
CA MET D 5 -25.83 -7.31 12.59
C MET D 5 -26.41 -7.67 13.94
N ARG D 6 -26.64 -6.66 14.79
CA ARG D 6 -27.13 -6.94 16.14
C ARG D 6 -28.20 -5.94 16.51
N TYR D 7 -29.28 -6.43 17.12
CA TYR D 7 -30.28 -5.54 17.73
C TYR D 7 -30.24 -5.69 19.23
N PHE D 8 -30.42 -4.56 19.94
CA PHE D 8 -30.35 -4.47 21.40
C PHE D 8 -31.61 -3.78 21.89
N PHE D 9 -32.25 -4.35 22.90
CA PHE D 9 -33.51 -3.83 23.41
C PHE D 9 -33.43 -3.78 24.92
N THR D 10 -33.79 -2.63 25.49
CA THR D 10 -33.78 -2.44 26.93
C THR D 10 -35.12 -1.85 27.34
N SER D 11 -35.80 -2.51 28.27
CA SER D 11 -36.98 -1.93 28.92
C SER D 11 -36.77 -1.83 30.43
N VAL D 12 -37.10 -0.65 30.97
CA VAL D 12 -36.96 -0.40 32.40
C VAL D 12 -38.31 0.03 32.97
N SER D 13 -38.81 -0.70 33.95
CA SER D 13 -40.09 -0.33 34.58
C SER D 13 -39.91 0.93 35.45
N ARG D 14 -40.93 1.76 35.46
CA ARG D 14 -40.99 2.93 36.37
C ARG D 14 -42.39 3.00 37.03
N PRO D 15 -42.60 2.17 38.06
CA PRO D 15 -43.93 2.06 38.67
C PRO D 15 -44.44 3.39 39.22
N GLY D 16 -45.68 3.72 38.86
CA GLY D 16 -46.29 5.01 39.23
C GLY D 16 -45.96 6.13 38.24
N ARG D 17 -45.02 5.88 37.33
CA ARG D 17 -44.53 6.92 36.41
C ARG D 17 -44.68 6.53 34.94
N GLY D 18 -45.80 5.91 34.61
CA GLY D 18 -46.11 5.55 33.24
C GLY D 18 -45.56 4.20 32.83
N GLU D 19 -45.74 3.87 31.54
CA GLU D 19 -45.25 2.59 30.99
C GLU D 19 -43.71 2.49 31.06
N PRO D 20 -43.18 1.25 30.98
CA PRO D 20 -41.73 1.14 30.96
C PRO D 20 -41.07 1.94 29.84
N ARG D 21 -39.87 2.43 30.11
CA ARG D 21 -39.06 3.10 29.09
C ARG D 21 -38.49 2.02 28.20
N PHE D 22 -38.68 2.16 26.88
CA PHE D 22 -38.14 1.17 25.93
C PHE D 22 -37.19 1.83 24.93
N ILE D 23 -35.98 1.25 24.80
CA ILE D 23 -35.00 1.74 23.83
C ILE D 23 -34.49 0.55 23.02
N ALA D 24 -34.65 0.65 21.69
CA ALA D 24 -34.15 -0.32 20.72
C ALA D 24 -33.07 0.35 19.87
N VAL D 25 -31.95 -0.35 19.71
CA VAL D 25 -30.92 0.10 18.76
C VAL D 25 -30.45 -1.06 17.89
N GLY D 26 -30.19 -0.75 16.63
CA GLY D 26 -29.63 -1.72 15.70
C GLY D 26 -28.24 -1.29 15.28
N TYR D 27 -27.34 -2.27 15.19
CA TYR D 27 -25.99 -2.03 14.74
C TYR D 27 -25.62 -2.93 13.56
N VAL D 28 -24.78 -2.41 12.68
CA VAL D 28 -23.98 -3.23 11.81
C VAL D 28 -22.55 -2.98 12.25
N ASP D 29 -21.88 -4.06 12.65
CA ASP D 29 -20.57 -3.95 13.26
C ASP D 29 -20.65 -2.96 14.43
N ASP D 30 -19.78 -1.95 14.44
CA ASP D 30 -19.71 -1.01 15.58
C ASP D 30 -20.60 0.24 15.31
N THR D 31 -21.29 0.24 14.15
CA THR D 31 -22.05 1.40 13.65
C THR D 31 -23.55 1.25 13.91
N GLN D 32 -24.08 2.16 14.70
CA GLN D 32 -25.50 2.17 14.96
C GLN D 32 -26.24 2.70 13.73
N PHE D 33 -27.32 2.02 13.34
CA PHE D 33 -28.02 2.48 12.13
C PHE D 33 -29.50 2.80 12.30
N VAL D 34 -30.12 2.28 13.36
CA VAL D 34 -31.52 2.56 13.69
C VAL D 34 -31.76 2.70 15.19
N ARG D 35 -32.78 3.44 15.57
CA ARG D 35 -33.18 3.51 16.97
C ARG D 35 -34.68 3.66 17.10
N PHE D 36 -35.22 3.22 18.23
CA PHE D 36 -36.57 3.56 18.64
C PHE D 36 -36.47 3.91 20.11
N ASP D 37 -37.15 4.99 20.51
CA ASP D 37 -37.20 5.36 21.92
C ASP D 37 -38.64 5.63 22.32
N SER D 38 -39.15 4.89 23.31
CA SER D 38 -40.54 5.02 23.75
C SER D 38 -40.88 6.44 24.15
N ASP D 39 -39.91 7.15 24.71
CA ASP D 39 -40.16 8.50 25.21
C ASP D 39 -40.00 9.62 24.19
N ALA D 40 -39.52 9.28 22.99
CA ALA D 40 -39.35 10.28 21.94
C ALA D 40 -40.69 10.61 21.26
N ALA D 41 -40.74 11.73 20.55
CA ALA D 41 -41.99 12.20 19.95
C ALA D 41 -42.52 11.38 18.76
N SER D 42 -41.63 10.94 17.87
CA SER D 42 -42.02 10.32 16.60
C SER D 42 -42.77 8.99 16.72
N GLN D 43 -42.43 8.17 17.70
CA GLN D 43 -42.96 6.80 17.82
C GLN D 43 -42.74 6.04 16.51
N ARG D 44 -41.58 6.27 15.90
CA ARG D 44 -41.19 5.50 14.72
C ARG D 44 -39.77 5.01 14.89
N MET D 45 -39.45 3.94 14.17
CA MET D 45 -38.04 3.59 14.00
C MET D 45 -37.40 4.73 13.21
N GLU D 46 -36.22 5.14 13.65
CA GLU D 46 -35.53 6.30 13.07
C GLU D 46 -34.14 5.89 12.59
N PRO D 47 -33.67 6.49 11.47
CA PRO D 47 -32.33 6.23 10.93
C PRO D 47 -31.26 6.91 11.80
N ARG D 48 -30.10 6.27 11.89
CA ARG D 48 -28.96 6.83 12.63
C ARG D 48 -27.63 6.65 11.86
N ALA D 49 -27.74 6.18 10.62
CA ALA D 49 -26.60 6.03 9.71
C ALA D 49 -27.06 6.56 8.35
N PRO D 50 -26.21 7.34 7.67
CA PRO D 50 -26.69 7.89 6.37
C PRO D 50 -27.10 6.83 5.34
N TRP D 51 -26.47 5.65 5.36
CA TRP D 51 -26.73 4.60 4.36
C TRP D 51 -28.05 3.85 4.52
N ILE D 52 -28.79 4.14 5.58
CA ILE D 52 -30.13 3.55 5.74
C ILE D 52 -31.22 4.57 5.40
N GLU D 53 -30.84 5.86 5.31
CA GLU D 53 -31.83 6.93 5.15
C GLU D 53 -32.61 6.79 3.84
N GLN D 54 -31.99 6.20 2.83
CA GLN D 54 -32.62 5.97 1.52
C GLN D 54 -33.51 4.71 1.42
N GLU D 55 -33.63 3.94 2.51
CA GLU D 55 -34.60 2.85 2.52
C GLU D 55 -35.97 3.48 2.36
N GLY D 56 -36.84 2.81 1.63
CA GLY D 56 -38.16 3.45 1.35
C GLY D 56 -39.10 3.53 2.54
N PRO D 57 -40.30 4.12 2.32
CA PRO D 57 -41.36 4.12 3.33
C PRO D 57 -41.83 2.70 3.74
N GLU D 58 -41.74 1.71 2.85
CA GLU D 58 -42.19 0.38 3.24
C GLU D 58 -41.25 -0.16 4.31
N TYR D 59 -39.95 0.11 4.13
CA TYR D 59 -38.97 -0.26 5.16
C TYR D 59 -39.27 0.36 6.52
N TRP D 60 -39.43 1.68 6.56
CA TRP D 60 -39.66 2.40 7.81
C TRP D 60 -40.98 2.04 8.45
N ASP D 61 -42.03 1.89 7.66
CA ASP D 61 -43.31 1.49 8.22
C ASP D 61 -43.21 0.11 8.85
N GLY D 62 -42.58 -0.82 8.15
CA GLY D 62 -42.46 -2.19 8.65
C GLY D 62 -41.59 -2.28 9.90
N GLU D 63 -40.46 -1.56 9.91
CA GLU D 63 -39.58 -1.61 11.08
C GLU D 63 -40.27 -0.96 12.28
N THR D 64 -41.01 0.11 12.02
CA THR D 64 -41.80 0.73 13.06
C THR D 64 -42.83 -0.23 13.66
N ARG D 65 -43.60 -0.92 12.82
CA ARG D 65 -44.56 -1.92 13.29
C ARG D 65 -43.86 -2.97 14.15
N LYS D 66 -42.77 -3.53 13.63
CA LYS D 66 -42.04 -4.60 14.32
C LYS D 66 -41.42 -4.13 15.64
N VAL D 67 -40.86 -2.92 15.67
CA VAL D 67 -40.23 -2.45 16.89
C VAL D 67 -41.24 -2.18 18.01
N LYS D 68 -42.44 -1.72 17.64
CA LYS D 68 -43.55 -1.57 18.59
C LYS D 68 -43.94 -2.94 19.19
N ALA D 69 -43.89 -4.00 18.37
CA ALA D 69 -44.15 -5.36 18.83
C ALA D 69 -43.09 -5.80 19.84
N HIS D 70 -41.84 -5.42 19.59
CA HIS D 70 -40.75 -5.70 20.54
C HIS D 70 -41.00 -4.96 21.85
N SER D 71 -41.44 -3.71 21.74
CA SER D 71 -41.78 -2.92 22.92
C SER D 71 -42.89 -3.57 23.76
N GLN D 72 -44.00 -3.96 23.11
CA GLN D 72 -45.10 -4.64 23.79
C GLN D 72 -44.66 -5.95 24.45
N THR D 73 -43.89 -6.74 23.71
CA THR D 73 -43.29 -7.96 24.26
C THR D 73 -42.62 -7.72 25.63
N HIS D 74 -41.77 -6.70 25.68
CA HIS D 74 -41.05 -6.36 26.91
C HIS D 74 -41.95 -5.89 28.06
N ARG D 75 -43.05 -5.22 27.71
CA ARG D 75 -44.04 -4.79 28.71
C ARG D 75 -44.65 -6.02 29.37
N VAL D 76 -45.03 -7.00 28.56
CA VAL D 76 -45.51 -8.27 29.09
C VAL D 76 -44.42 -8.95 29.93
N ASP D 77 -43.22 -9.05 29.36
CA ASP D 77 -42.11 -9.72 30.03
C ASP D 77 -41.84 -9.19 31.44
N LEU D 78 -41.87 -7.87 31.59
CA LEU D 78 -41.59 -7.26 32.88
C LEU D 78 -42.58 -7.77 33.93
N GLY D 79 -43.84 -7.88 33.54
CA GLY D 79 -44.90 -8.42 34.43
C GLY D 79 -44.64 -9.88 34.78
N THR D 80 -44.41 -10.69 33.76
CA THR D 80 -44.15 -12.10 33.91
C THR D 80 -42.98 -12.34 34.88
N LEU D 81 -41.86 -11.65 34.66
CA LEU D 81 -40.68 -11.82 35.52
C LEU D 81 -40.90 -11.37 36.97
N ARG D 82 -41.60 -10.26 37.17
CA ARG D 82 -41.91 -9.79 38.52
C ARG D 82 -42.63 -10.89 39.29
N GLY D 83 -43.62 -11.50 38.63
CA GLY D 83 -44.34 -12.65 39.17
C GLY D 83 -43.45 -13.86 39.41
N TYR D 84 -42.68 -14.25 38.40
CA TYR D 84 -41.79 -15.41 38.52
C TYR D 84 -40.86 -15.32 39.70
N TYR D 85 -40.42 -14.10 40.02
CA TYR D 85 -39.44 -13.89 41.09
C TYR D 85 -40.06 -13.35 42.37
N ASN D 86 -41.40 -13.25 42.37
CA ASN D 86 -42.16 -12.85 43.57
C ASN D 86 -41.68 -11.50 44.08
N GLN D 87 -41.62 -10.53 43.17
CA GLN D 87 -41.09 -9.22 43.50
C GLN D 87 -42.21 -8.22 43.63
N SER D 88 -41.91 -7.12 44.34
CA SER D 88 -42.87 -6.06 44.54
C SER D 88 -43.22 -5.35 43.23
N GLU D 89 -44.38 -4.72 43.24
CA GLU D 89 -44.80 -3.87 42.13
C GLU D 89 -44.19 -2.48 42.28
N ALA D 90 -43.53 -2.24 43.41
CA ALA D 90 -42.93 -0.95 43.72
C ALA D 90 -41.67 -0.63 42.91
N GLY D 91 -40.75 -1.58 42.85
CA GLY D 91 -39.42 -1.33 42.35
C GLY D 91 -39.27 -1.32 40.84
N SER D 92 -38.18 -0.69 40.38
CA SER D 92 -37.83 -0.67 38.97
C SER D 92 -36.94 -1.88 38.63
N HIS D 93 -37.25 -2.52 37.51
CA HIS D 93 -36.49 -3.67 37.03
C HIS D 93 -36.17 -3.50 35.56
N THR D 94 -35.20 -4.26 35.07
CA THR D 94 -34.73 -4.13 33.70
C THR D 94 -34.82 -5.46 32.97
N VAL D 95 -35.33 -5.43 31.75
CA VAL D 95 -35.26 -6.57 30.84
C VAL D 95 -34.41 -6.17 29.64
N GLN D 96 -33.49 -7.03 29.24
CA GLN D 96 -32.70 -6.77 28.05
C GLN D 96 -32.79 -7.97 27.15
N ARG D 97 -32.72 -7.69 25.85
CA ARG D 97 -32.78 -8.72 24.84
C ARG D 97 -31.82 -8.29 23.73
N MET D 98 -31.09 -9.25 23.18
CA MET D 98 -30.19 -9.02 22.07
C MET D 98 -30.31 -10.20 21.14
N TYR D 99 -30.32 -9.91 19.84
CA TYR D 99 -30.21 -10.95 18.82
C TYR D 99 -29.53 -10.44 17.57
N GLY D 100 -29.03 -11.39 16.78
CA GLY D 100 -28.30 -11.05 15.59
C GLY D 100 -27.48 -12.18 15.03
N CYS D 101 -26.69 -11.85 14.00
CA CYS D 101 -25.93 -12.85 13.27
C CYS D 101 -24.55 -12.30 12.98
N ASP D 102 -23.56 -13.18 12.93
CA ASP D 102 -22.18 -12.84 12.56
C ASP D 102 -21.94 -13.54 11.25
N VAL D 103 -21.19 -12.88 10.37
CA VAL D 103 -20.71 -13.50 9.14
C VAL D 103 -19.19 -13.30 9.08
N GLY D 104 -18.49 -14.16 8.33
CA GLY D 104 -17.04 -14.03 8.16
C GLY D 104 -16.67 -13.11 7.00
N SER D 105 -15.40 -13.19 6.58
CA SER D 105 -14.93 -12.35 5.47
C SER D 105 -15.66 -12.66 4.17
N ASP D 106 -16.13 -13.91 4.06
CA ASP D 106 -16.89 -14.40 2.91
C ASP D 106 -18.38 -14.06 2.98
N TRP D 107 -18.76 -13.31 4.03
CA TRP D 107 -20.14 -12.88 4.25
C TRP D 107 -21.10 -14.04 4.49
N ARG D 108 -20.54 -15.21 4.80
CA ARG D 108 -21.35 -16.37 5.15
C ARG D 108 -21.64 -16.44 6.62
N PHE D 109 -22.79 -16.99 6.97
CA PHE D 109 -23.18 -17.24 8.34
C PHE D 109 -22.10 -17.99 9.14
N LEU D 110 -21.79 -17.45 10.32
CA LEU D 110 -20.82 -18.01 11.24
C LEU D 110 -21.59 -18.46 12.47
N ARG D 111 -22.42 -17.56 12.98
CA ARG D 111 -23.18 -17.83 14.19
C ARG D 111 -24.35 -16.88 14.36
N GLY D 112 -25.34 -17.34 15.13
CA GLY D 112 -26.55 -16.56 15.48
C GLY D 112 -26.75 -16.52 16.98
N TYR D 113 -27.49 -15.52 17.47
CA TYR D 113 -27.69 -15.34 18.92
C TYR D 113 -29.08 -14.80 19.13
N HIS D 114 -29.69 -15.19 20.24
CA HIS D 114 -30.91 -14.57 20.73
C HIS D 114 -30.95 -14.84 22.23
N GLN D 115 -30.79 -13.78 23.03
CA GLN D 115 -30.72 -13.99 24.44
C GLN D 115 -31.35 -12.86 25.24
N TYR D 116 -31.71 -13.17 26.49
CA TYR D 116 -32.39 -12.25 27.38
C TYR D 116 -31.70 -12.21 28.74
N ALA D 117 -31.84 -11.08 29.43
CA ALA D 117 -31.37 -10.88 30.80
C ALA D 117 -32.43 -10.13 31.57
N TYR D 118 -32.51 -10.44 32.85
CA TYR D 118 -33.37 -9.73 33.77
C TYR D 118 -32.50 -9.15 34.88
N ASP D 119 -32.63 -7.85 35.12
CA ASP D 119 -31.81 -7.16 36.11
C ASP D 119 -30.32 -7.44 36.01
N GLY D 120 -29.84 -7.51 34.77
CA GLY D 120 -28.41 -7.62 34.52
C GLY D 120 -27.88 -9.02 34.63
N LYS D 121 -28.77 -10.00 34.82
CA LYS D 121 -28.37 -11.42 34.90
C LYS D 121 -28.96 -12.22 33.74
N ASP D 122 -28.15 -13.11 33.18
CA ASP D 122 -28.65 -14.09 32.19
C ASP D 122 -30.01 -14.65 32.61
N TYR D 123 -30.93 -14.71 31.66
CA TYR D 123 -32.22 -15.35 31.90
C TYR D 123 -32.38 -16.57 31.00
N ILE D 124 -32.39 -16.36 29.69
CA ILE D 124 -32.48 -17.46 28.72
C ILE D 124 -31.74 -17.05 27.47
N ALA D 125 -31.08 -18.04 26.83
CA ALA D 125 -30.22 -17.81 25.67
C ALA D 125 -30.37 -18.96 24.68
N LEU D 126 -30.45 -18.62 23.40
CA LEU D 126 -30.45 -19.67 22.36
C LEU D 126 -29.02 -20.20 22.23
N LYS D 127 -28.84 -21.52 22.27
CA LYS D 127 -27.50 -22.08 22.13
C LYS D 127 -26.99 -21.98 20.69
N GLU D 128 -25.68 -22.14 20.51
CA GLU D 128 -25.04 -22.05 19.18
C GLU D 128 -25.69 -22.91 18.10
N ASP D 129 -26.18 -24.10 18.46
CA ASP D 129 -26.82 -24.98 17.48
C ASP D 129 -28.15 -24.44 16.89
N LEU D 130 -28.66 -23.37 17.50
CA LEU D 130 -29.94 -22.74 17.09
C LEU D 130 -31.14 -23.65 17.28
N ARG D 131 -31.00 -24.67 18.12
CA ARG D 131 -32.06 -25.65 18.34
C ARG D 131 -32.44 -25.82 19.82
N SER D 132 -31.61 -25.35 20.73
CA SER D 132 -31.84 -25.60 22.17
C SER D 132 -31.60 -24.34 22.98
N TRP D 133 -32.07 -24.35 24.22
CA TRP D 133 -32.03 -23.16 25.10
C TRP D 133 -31.20 -23.40 26.34
N THR D 134 -30.53 -22.35 26.83
CA THR D 134 -29.88 -22.39 28.12
C THR D 134 -30.71 -21.52 29.05
N ALA D 135 -31.40 -22.18 29.99
CA ALA D 135 -32.14 -21.51 31.06
C ALA D 135 -31.21 -21.29 32.24
N ALA D 136 -31.06 -20.03 32.66
CA ALA D 136 -30.04 -19.69 33.67
C ALA D 136 -30.42 -20.19 35.06
N ASP D 137 -31.72 -20.41 35.28
CA ASP D 137 -32.24 -20.78 36.58
C ASP D 137 -33.61 -21.48 36.51
N MET D 138 -34.19 -21.80 37.67
CA MET D 138 -35.51 -22.45 37.73
C MET D 138 -36.62 -21.71 37.00
N ALA D 139 -36.73 -20.39 37.21
CA ALA D 139 -37.71 -19.55 36.49
C ALA D 139 -37.57 -19.65 34.97
N ALA D 140 -36.34 -19.57 34.49
CA ALA D 140 -36.07 -19.63 33.07
C ALA D 140 -36.41 -21.02 32.48
N GLN D 141 -36.39 -22.06 33.31
CA GLN D 141 -36.80 -23.39 32.84
C GLN D 141 -38.24 -23.39 32.37
N THR D 142 -39.09 -22.59 33.02
CA THR D 142 -40.48 -22.43 32.60
C THR D 142 -40.62 -21.76 31.22
N THR D 143 -39.94 -20.64 31.03
CA THR D 143 -39.85 -20.04 29.72
C THR D 143 -39.35 -21.05 28.68
N LYS D 144 -38.28 -21.76 29.02
CA LYS D 144 -37.67 -22.73 28.10
C LYS D 144 -38.68 -23.76 27.59
N HIS D 145 -39.49 -24.29 28.50
CA HIS D 145 -40.46 -25.31 28.12
C HIS D 145 -41.58 -24.71 27.24
N LYS D 146 -42.01 -23.48 27.57
CA LYS D 146 -43.00 -22.76 26.78
C LYS D 146 -42.51 -22.54 25.33
N TRP D 147 -41.29 -22.06 25.21
CA TRP D 147 -40.67 -21.82 23.91
C TRP D 147 -40.36 -23.10 23.15
N GLU D 148 -40.06 -24.18 23.86
CA GLU D 148 -39.90 -25.48 23.17
C GLU D 148 -41.21 -25.91 22.52
N ALA D 149 -42.30 -25.84 23.27
CA ALA D 149 -43.62 -26.28 22.77
C ALA D 149 -44.12 -25.41 21.61
N ALA D 150 -43.75 -24.12 21.63
CA ALA D 150 -44.14 -23.17 20.58
C ALA D 150 -43.14 -23.08 19.43
N HIS D 151 -42.10 -23.91 19.48
CA HIS D 151 -41.13 -23.97 18.39
C HIS D 151 -40.46 -22.60 18.06
N VAL D 152 -40.20 -21.83 19.11
CA VAL D 152 -39.57 -20.49 18.96
C VAL D 152 -38.19 -20.55 18.32
N ALA D 153 -37.39 -21.54 18.74
CA ALA D 153 -36.02 -21.71 18.24
C ALA D 153 -36.03 -21.88 16.72
N GLU D 154 -36.96 -22.68 16.22
CA GLU D 154 -37.03 -22.91 14.77
C GLU D 154 -37.30 -21.63 14.02
N GLN D 155 -38.21 -20.78 14.54
CA GLN D 155 -38.46 -19.50 13.88
C GLN D 155 -37.22 -18.60 13.91
N LEU D 156 -36.59 -18.52 15.08
CA LEU D 156 -35.35 -17.78 15.22
C LEU D 156 -34.29 -18.33 14.28
N ARG D 157 -34.15 -19.66 14.20
CA ARG D 157 -33.17 -20.23 13.29
C ARG D 157 -33.32 -19.74 11.83
N ALA D 158 -34.55 -19.74 11.33
CA ALA D 158 -34.87 -19.30 9.97
C ALA D 158 -34.48 -17.84 9.78
N TYR D 159 -34.74 -17.03 10.81
CA TYR D 159 -34.39 -15.60 10.76
C TYR D 159 -32.87 -15.41 10.81
N LEU D 160 -32.23 -16.05 11.79
CA LEU D 160 -30.81 -15.78 12.04
C LEU D 160 -29.91 -16.23 10.90
N GLU D 161 -30.23 -17.38 10.29
CA GLU D 161 -29.41 -17.96 9.22
C GLU D 161 -29.78 -17.39 7.86
N GLY D 162 -31.01 -16.91 7.74
CA GLY D 162 -31.56 -16.40 6.49
C GLY D 162 -31.68 -14.89 6.47
N THR D 163 -32.84 -14.39 6.85
CA THR D 163 -33.16 -12.97 6.82
C THR D 163 -32.03 -12.09 7.38
N CYS D 164 -31.51 -12.46 8.55
CA CYS D 164 -30.47 -11.66 9.22
C CYS D 164 -29.20 -11.46 8.35
N VAL D 165 -28.73 -12.54 7.74
CA VAL D 165 -27.60 -12.51 6.83
C VAL D 165 -27.95 -11.75 5.56
N GLU D 166 -29.15 -12.00 5.00
CA GLU D 166 -29.57 -11.32 3.78
C GLU D 166 -29.51 -9.81 3.95
N TRP D 167 -30.08 -9.34 5.05
CA TRP D 167 -30.14 -7.89 5.32
C TRP D 167 -28.77 -7.34 5.69
N LEU D 168 -28.02 -8.06 6.52
CA LEU D 168 -26.65 -7.64 6.80
C LEU D 168 -25.85 -7.43 5.50
N ARG D 169 -25.91 -8.41 4.60
CA ARG D 169 -25.26 -8.25 3.28
C ARG D 169 -25.76 -7.00 2.52
N ARG D 170 -27.06 -6.76 2.55
CA ARG D 170 -27.61 -5.60 1.87
C ARG D 170 -27.07 -4.30 2.46
N TYR D 171 -27.09 -4.21 3.79
CA TYR D 171 -26.55 -3.07 4.50
C TYR D 171 -25.07 -2.84 4.24
N LEU D 172 -24.29 -3.93 4.26
CA LEU D 172 -22.86 -3.84 3.94
C LEU D 172 -22.64 -3.28 2.54
N GLU D 173 -23.47 -3.69 1.59
CA GLU D 173 -23.33 -3.17 0.23
C GLU D 173 -23.81 -1.71 0.11
N ASN D 174 -24.98 -1.39 0.66
CA ASN D 174 -25.46 -0.01 0.62
C ASN D 174 -24.55 1.00 1.32
N GLY D 175 -24.00 0.60 2.48
CA GLY D 175 -23.08 1.44 3.25
C GLY D 175 -21.62 1.09 3.05
N LYS D 176 -21.31 0.54 1.87
CA LYS D 176 -19.95 0.11 1.49
C LYS D 176 -18.88 1.15 1.82
N GLU D 177 -19.15 2.43 1.51
CA GLU D 177 -18.15 3.50 1.69
C GLU D 177 -17.57 3.56 3.12
N THR D 178 -18.42 3.25 4.10
CA THR D 178 -17.99 3.30 5.51
C THR D 178 -17.84 1.89 6.09
N LEU D 179 -18.82 1.03 5.84
CA LEU D 179 -18.85 -0.29 6.47
C LEU D 179 -17.76 -1.23 5.97
N GLN D 180 -17.35 -1.07 4.71
CA GLN D 180 -16.37 -1.98 4.14
C GLN D 180 -14.98 -1.35 4.10
N ARG D 181 -14.83 -0.15 4.67
CA ARG D 181 -13.49 0.48 4.68
C ARG D 181 -12.59 -0.12 5.78
N THR D 182 -11.28 -0.03 5.59
CA THR D 182 -10.38 -0.23 6.73
C THR D 182 -9.48 0.97 6.83
N ASP D 183 -9.52 1.61 8.00
CA ASP D 183 -8.70 2.77 8.29
C ASP D 183 -7.66 2.31 9.30
N ALA D 184 -6.41 2.22 8.85
CA ALA D 184 -5.31 1.89 9.75
C ALA D 184 -5.20 2.98 10.83
N PRO D 185 -4.80 2.59 12.06
CA PRO D 185 -4.64 3.59 13.12
C PRO D 185 -3.54 4.58 12.76
N LYS D 186 -3.77 5.84 13.09
CA LYS D 186 -2.69 6.80 13.07
C LYS D 186 -2.04 6.70 14.45
N THR D 187 -0.72 6.45 14.47
CA THR D 187 -0.06 6.19 15.75
C THR D 187 0.98 7.23 16.09
N HIS D 188 1.15 7.47 17.39
CA HIS D 188 2.23 8.29 17.90
C HIS D 188 2.50 7.89 19.34
N MET D 189 3.60 8.40 19.88
CA MET D 189 3.97 8.15 21.27
C MET D 189 4.21 9.51 21.91
N THR D 190 3.89 9.63 23.19
CA THR D 190 4.22 10.82 23.97
C THR D 190 5.13 10.42 25.15
N HIS D 191 5.97 11.35 25.58
CA HIS D 191 6.86 11.14 26.72
C HIS D 191 6.67 12.32 27.65
N HIS D 192 6.48 12.04 28.94
CA HIS D 192 6.30 13.07 29.96
C HIS D 192 6.94 12.62 31.26
N ALA D 193 7.78 13.48 31.83
CA ALA D 193 8.42 13.19 33.11
C ALA D 193 7.42 13.23 34.26
N VAL D 194 7.33 12.16 35.04
CA VAL D 194 6.52 12.18 36.25
C VAL D 194 7.31 12.62 37.49
N SER D 195 8.63 12.51 37.38
CA SER D 195 9.60 12.92 38.42
C SER D 195 10.97 13.01 37.77
N ASP D 196 12.04 13.20 38.55
CA ASP D 196 13.38 13.16 37.97
C ASP D 196 13.90 11.74 37.70
N HIS D 197 13.16 10.72 38.12
CA HIS D 197 13.61 9.34 37.96
C HIS D 197 12.65 8.46 37.14
N GLU D 198 11.47 8.97 36.81
CA GLU D 198 10.52 8.19 35.97
C GLU D 198 9.82 9.06 34.96
N ALA D 199 9.45 8.45 33.84
CA ALA D 199 8.67 9.10 32.79
C ALA D 199 7.60 8.14 32.29
N THR D 200 6.49 8.73 31.82
CA THR D 200 5.42 8.00 31.14
C THR D 200 5.64 8.01 29.64
N LEU D 201 5.63 6.81 29.07
CA LEU D 201 5.55 6.61 27.63
C LEU D 201 4.14 6.14 27.34
N ARG D 202 3.43 6.89 26.49
CA ARG D 202 2.07 6.52 26.09
C ARG D 202 2.02 6.32 24.58
N CYS D 203 1.49 5.18 24.16
CA CYS D 203 1.39 4.79 22.77
C CYS D 203 -0.07 4.98 22.37
N TRP D 204 -0.29 5.77 21.33
CA TRP D 204 -1.63 6.10 20.84
C TRP D 204 -2.01 5.44 19.52
N ALA D 205 -3.26 4.97 19.41
CA ALA D 205 -3.83 4.55 18.14
C ALA D 205 -5.11 5.36 17.98
N LEU D 206 -5.18 6.12 16.88
CA LEU D 206 -6.30 7.04 16.61
C LEU D 206 -6.91 6.87 15.23
N SER D 207 -8.19 7.24 15.12
CA SER D 207 -8.86 7.34 13.82
C SER D 207 -8.88 6.00 13.07
N PHE D 208 -8.97 4.91 13.84
CA PHE D 208 -8.98 3.59 13.20
C PHE D 208 -10.37 3.02 13.02
N TYR D 209 -10.48 2.18 11.99
CA TYR D 209 -11.72 1.47 11.73
C TYR D 209 -11.44 0.16 10.98
N PRO D 210 -12.02 -0.97 11.42
CA PRO D 210 -12.97 -1.19 12.54
C PRO D 210 -12.31 -1.10 13.94
N ALA D 211 -13.08 -1.40 14.97
CA ALA D 211 -12.64 -1.13 16.35
C ALA D 211 -11.56 -2.11 16.80
N GLU D 212 -11.55 -3.29 16.19
CA GLU D 212 -10.67 -4.38 16.66
C GLU D 212 -9.25 -3.94 16.58
N ILE D 213 -8.51 -4.08 17.68
CA ILE D 213 -7.12 -3.68 17.68
C ILE D 213 -6.40 -4.38 18.83
N THR D 214 -5.11 -4.60 18.67
CA THR D 214 -4.24 -5.04 19.77
C THR D 214 -3.12 -4.03 19.96
N LEU D 215 -2.98 -3.57 21.19
CA LEU D 215 -2.07 -2.50 21.50
C LEU D 215 -1.40 -2.88 22.82
N THR D 216 -0.08 -3.07 22.78
CA THR D 216 0.66 -3.48 23.98
C THR D 216 2.04 -2.83 24.05
N TRP D 217 2.66 -2.96 25.23
CA TRP D 217 4.02 -2.55 25.46
C TRP D 217 4.81 -3.80 25.81
N GLN D 218 6.06 -3.77 25.38
CA GLN D 218 7.06 -4.78 25.79
C GLN D 218 8.31 -4.10 26.31
N ARG D 219 9.06 -4.82 27.18
CA ARG D 219 10.36 -4.35 27.64
C ARG D 219 11.34 -5.46 27.27
N ASP D 220 12.37 -5.09 26.52
CA ASP D 220 13.31 -6.07 25.93
C ASP D 220 12.56 -7.19 25.19
N GLY D 221 11.44 -6.82 24.56
CA GLY D 221 10.56 -7.78 23.86
C GLY D 221 9.77 -8.74 24.71
N GLU D 222 9.74 -8.49 26.03
CA GLU D 222 8.98 -9.34 26.96
C GLU D 222 7.72 -8.67 27.44
N ASP D 223 6.78 -9.51 27.88
CA ASP D 223 5.46 -9.07 28.39
C ASP D 223 5.55 -8.02 29.46
N GLN D 224 4.67 -7.01 29.33
CA GLN D 224 4.51 -5.96 30.32
C GLN D 224 3.04 -5.77 30.70
N THR D 225 2.20 -6.80 30.50
CA THR D 225 0.74 -6.68 30.74
C THR D 225 0.38 -6.05 32.09
N GLN D 226 0.99 -6.54 33.18
CA GLN D 226 0.66 -6.01 34.50
C GLN D 226 1.18 -4.61 34.74
N ASP D 227 2.16 -4.19 33.93
CA ASP D 227 2.74 -2.88 34.10
C ASP D 227 2.23 -1.86 33.10
N THR D 228 1.25 -2.26 32.29
CA THR D 228 0.72 -1.38 31.25
C THR D 228 -0.66 -0.89 31.70
N GLU D 229 -0.87 0.43 31.62
CA GLU D 229 -2.20 1.01 31.74
C GLU D 229 -2.79 0.96 30.33
N LEU D 230 -3.85 0.19 30.15
CA LEU D 230 -4.44 0.01 28.83
C LEU D 230 -5.90 0.42 28.89
N VAL D 231 -6.29 1.47 28.17
CA VAL D 231 -7.68 1.93 28.27
C VAL D 231 -8.58 1.18 27.32
N GLU D 232 -9.86 1.10 27.65
CA GLU D 232 -10.82 0.46 26.75
C GLU D 232 -10.86 1.21 25.42
N THR D 233 -10.99 0.47 24.33
CA THR D 233 -11.17 1.09 23.01
C THR D 233 -12.40 1.98 23.07
N ARG D 234 -12.32 3.19 22.53
CA ARG D 234 -13.38 4.17 22.80
C ARG D 234 -13.78 4.86 21.49
N PRO D 235 -15.07 5.21 21.34
CA PRO D 235 -15.51 5.86 20.09
C PRO D 235 -15.06 7.32 20.03
N ALA D 236 -14.53 7.74 18.89
CA ALA D 236 -14.14 9.13 18.71
C ALA D 236 -15.37 10.05 18.50
N GLY D 237 -16.50 9.43 18.15
CA GLY D 237 -17.78 10.13 17.88
C GLY D 237 -18.01 10.39 16.38
N ASP D 238 -17.02 10.10 15.55
CA ASP D 238 -17.06 10.34 14.11
C ASP D 238 -17.02 9.01 13.32
N GLY D 239 -17.33 7.92 14.00
CA GLY D 239 -17.31 6.59 13.42
C GLY D 239 -15.94 5.94 13.35
N THR D 240 -14.96 6.55 14.03
CA THR D 240 -13.65 5.93 14.19
C THR D 240 -13.43 5.66 15.67
N PHE D 241 -12.31 5.00 15.98
CA PHE D 241 -12.01 4.55 17.33
C PHE D 241 -10.62 5.00 17.79
N GLN D 242 -10.43 4.98 19.11
CA GLN D 242 -9.16 5.39 19.72
C GLN D 242 -8.81 4.39 20.80
N LYS D 243 -7.50 4.30 21.08
CA LYS D 243 -7.02 3.51 22.21
C LYS D 243 -5.63 4.00 22.54
N TRP D 244 -5.28 3.87 23.82
CA TRP D 244 -3.88 4.05 24.20
C TRP D 244 -3.42 3.10 25.29
N ALA D 245 -2.08 2.95 25.37
CA ALA D 245 -1.45 2.13 26.39
C ALA D 245 -0.26 2.89 26.92
N ALA D 246 -0.04 2.83 28.23
CA ALA D 246 1.07 3.57 28.82
C ALA D 246 1.86 2.74 29.80
N VAL D 247 3.13 3.05 29.91
CA VAL D 247 4.01 2.44 30.90
C VAL D 247 4.83 3.55 31.54
N VAL D 248 5.15 3.33 32.82
CA VAL D 248 6.01 4.25 33.54
C VAL D 248 7.39 3.60 33.57
N VAL D 249 8.33 4.34 32.98
CA VAL D 249 9.68 3.93 32.62
C VAL D 249 10.67 4.54 33.62
N PRO D 250 11.62 3.75 34.14
CA PRO D 250 12.68 4.48 34.87
C PRO D 250 13.47 5.38 33.87
N SER D 251 13.68 6.66 34.21
CA SER D 251 14.40 7.56 33.26
C SER D 251 15.76 6.96 32.81
N GLY D 252 16.04 7.02 31.52
CA GLY D 252 17.19 6.32 30.98
C GLY D 252 16.91 4.96 30.34
N GLN D 253 15.74 4.36 30.63
CA GLN D 253 15.40 3.03 30.12
C GLN D 253 14.41 3.04 28.93
N GLU D 254 14.16 4.23 28.37
CA GLU D 254 13.16 4.37 27.31
C GLU D 254 13.36 3.43 26.15
N GLN D 255 14.62 3.24 25.75
CA GLN D 255 14.92 2.44 24.60
C GLN D 255 14.66 0.93 24.78
N ARG D 256 14.37 0.49 26.00
CA ARG D 256 14.10 -0.94 26.28
C ARG D 256 12.68 -1.27 25.88
N TYR D 257 11.85 -0.24 25.72
CA TYR D 257 10.43 -0.47 25.57
C TYR D 257 9.96 -0.32 24.13
N THR D 258 9.01 -1.16 23.74
CA THR D 258 8.44 -1.09 22.37
C THR D 258 6.92 -1.18 22.44
N CYS D 259 6.26 -0.38 21.60
CA CYS D 259 4.80 -0.39 21.53
C CYS D 259 4.45 -1.20 20.29
N HIS D 260 3.47 -2.09 20.44
CA HIS D 260 3.10 -3.05 19.42
C HIS D 260 1.65 -2.83 19.03
N VAL D 261 1.40 -2.62 17.73
CA VAL D 261 0.04 -2.36 17.22
C VAL D 261 -0.31 -3.38 16.14
N GLN D 262 -1.45 -4.06 16.31
CA GLN D 262 -2.00 -4.96 15.29
C GLN D 262 -3.39 -4.48 14.93
N HIS D 263 -3.65 -4.41 13.64
CA HIS D 263 -4.93 -3.91 13.15
C HIS D 263 -5.11 -4.36 11.71
N GLU D 264 -6.37 -4.58 11.33
CA GLU D 264 -6.76 -4.96 9.97
C GLU D 264 -6.16 -4.09 8.87
N GLY D 265 -6.10 -2.79 9.09
CA GLY D 265 -5.52 -1.85 8.13
C GLY D 265 -4.00 -1.81 8.04
N LEU D 266 -3.32 -2.57 8.89
CA LEU D 266 -1.87 -2.62 8.87
C LEU D 266 -1.40 -3.91 8.20
N PRO D 267 -0.72 -3.79 7.04
CA PRO D 267 -0.26 -4.99 6.31
C PRO D 267 0.65 -5.83 7.19
N LYS D 268 1.39 -5.15 8.08
CA LYS D 268 2.30 -5.77 9.02
C LYS D 268 2.06 -5.14 10.40
N PRO D 269 2.27 -5.90 11.48
CA PRO D 269 2.17 -5.24 12.81
C PRO D 269 3.27 -4.19 12.99
N LEU D 270 2.93 -3.10 13.68
CA LEU D 270 3.89 -2.03 13.94
C LEU D 270 4.59 -2.31 15.24
N THR D 271 5.88 -1.96 15.28
CA THR D 271 6.66 -1.96 16.50
C THR D 271 7.30 -0.58 16.53
N LEU D 272 6.91 0.21 17.54
CA LEU D 272 7.38 1.56 17.76
C LEU D 272 8.26 1.62 18.99
N ARG D 273 9.32 2.41 18.91
CA ARG D 273 10.26 2.56 20.01
C ARG D 273 10.58 4.03 20.14
N TRP D 274 10.64 4.57 21.36
CA TRP D 274 11.07 5.96 21.57
C TRP D 274 12.59 6.02 21.41
N GLU D 275 13.06 6.55 20.28
CA GLU D 275 14.51 6.65 20.03
C GLU D 275 15.05 7.99 20.46
N PRO D 276 14.33 9.01 20.42
N MET E 1 -30.03 -6.67 43.96
CA MET E 1 -29.85 -6.83 42.49
C MET E 1 -28.46 -6.34 42.07
N ILE E 2 -28.02 -6.83 40.91
CA ILE E 2 -26.77 -6.42 40.27
C ILE E 2 -26.64 -4.89 40.21
N GLN E 3 -25.44 -4.43 40.58
CA GLN E 3 -25.05 -3.02 40.39
C GLN E 3 -23.59 -3.02 40.00
N ARG E 4 -23.29 -2.47 38.82
CA ARG E 4 -21.93 -2.37 38.32
C ARG E 4 -21.58 -0.88 38.12
N THR E 5 -20.37 -0.51 38.52
CA THR E 5 -19.96 0.88 38.53
C THR E 5 -19.51 1.30 37.13
N PRO E 6 -19.87 2.53 36.70
CA PRO E 6 -19.40 2.94 35.37
C PRO E 6 -17.91 3.19 35.35
N LYS E 7 -17.29 2.75 34.25
CA LYS E 7 -15.98 3.23 33.86
C LYS E 7 -16.20 4.52 33.13
N ILE E 8 -15.26 5.44 33.28
CA ILE E 8 -15.40 6.77 32.72
C ILE E 8 -14.12 7.12 31.96
N GLN E 9 -14.26 7.55 30.70
CA GLN E 9 -13.15 8.20 29.99
C GLN E 9 -13.62 9.54 29.49
N VAL E 10 -12.84 10.58 29.74
CA VAL E 10 -13.14 11.90 29.17
C VAL E 10 -11.99 12.29 28.25
N TYR E 11 -12.32 12.71 27.04
CA TYR E 11 -11.31 12.86 25.98
C TYR E 11 -11.86 13.62 24.79
N SER E 12 -10.94 14.11 23.94
CA SER E 12 -11.36 14.84 22.73
C SER E 12 -11.42 13.91 21.52
N ARG E 13 -12.29 14.25 20.57
CA ARG E 13 -12.36 13.53 19.32
C ARG E 13 -11.06 13.57 18.53
N HIS E 14 -10.51 14.77 18.38
CA HIS E 14 -9.23 15.03 17.72
C HIS E 14 -8.20 15.44 18.76
N PRO E 15 -6.91 15.27 18.43
CA PRO E 15 -5.86 15.77 19.30
C PRO E 15 -6.13 17.26 19.60
N ALA E 16 -6.05 17.65 20.86
CA ALA E 16 -6.36 19.01 21.24
C ALA E 16 -5.32 19.97 20.64
N GLU E 17 -5.82 21.02 20.00
CA GLU E 17 -4.98 22.12 19.53
C GLU E 17 -5.68 23.37 19.94
N ASN E 18 -4.98 24.22 20.69
CA ASN E 18 -5.61 25.37 21.28
C ASN E 18 -6.21 26.27 20.20
N GLY E 19 -7.47 26.65 20.41
CA GLY E 19 -8.16 27.57 19.49
C GLY E 19 -8.80 26.91 18.28
N LYS E 20 -8.73 25.57 18.21
CA LYS E 20 -9.32 24.83 17.07
C LYS E 20 -10.50 23.98 17.54
N SER E 21 -11.60 24.04 16.78
CA SER E 21 -12.86 23.39 17.15
C SER E 21 -12.69 21.88 17.24
N ASN E 22 -13.45 21.27 18.14
CA ASN E 22 -13.26 19.87 18.48
C ASN E 22 -14.56 19.38 19.10
N PHE E 23 -14.53 18.15 19.58
CA PHE E 23 -15.61 17.59 20.39
C PHE E 23 -15.00 17.02 21.66
N LEU E 24 -15.67 17.26 22.78
CA LEU E 24 -15.29 16.72 24.07
C LEU E 24 -16.25 15.58 24.37
N ASN E 25 -15.69 14.42 24.70
CA ASN E 25 -16.46 13.21 24.89
C ASN E 25 -16.33 12.71 26.31
N CYS E 26 -17.41 12.13 26.81
CA CYS E 26 -17.30 11.36 28.01
C CYS E 26 -17.96 10.04 27.71
N TYR E 27 -17.15 8.98 27.70
CA TYR E 27 -17.64 7.64 27.44
C TYR E 27 -17.81 6.91 28.77
N VAL E 28 -19.03 6.47 29.05
CA VAL E 28 -19.31 5.75 30.30
C VAL E 28 -19.74 4.34 29.91
N SER E 29 -19.14 3.34 30.53
CA SER E 29 -19.42 1.98 30.14
C SER E 29 -19.38 1.02 31.32
N GLY E 30 -19.89 -0.19 31.09
CA GLY E 30 -19.78 -1.24 32.08
C GLY E 30 -20.68 -1.09 33.27
N PHE E 31 -21.68 -0.23 33.18
CA PHE E 31 -22.57 0.01 34.33
C PHE E 31 -23.93 -0.71 34.31
N HIS E 32 -24.54 -0.85 35.48
CA HIS E 32 -25.87 -1.44 35.60
C HIS E 32 -26.37 -1.05 37.00
N PRO E 33 -27.63 -0.63 37.13
CA PRO E 33 -28.70 -0.39 36.11
C PRO E 33 -28.41 0.81 35.19
N SER E 34 -29.29 1.10 34.24
CA SER E 34 -29.00 2.06 33.17
C SER E 34 -29.14 3.54 33.59
N ASP E 35 -29.84 3.75 34.70
CA ASP E 35 -30.11 5.08 35.25
C ASP E 35 -28.77 5.71 35.59
N ILE E 36 -28.41 6.81 34.92
CA ILE E 36 -27.14 7.46 35.17
C ILE E 36 -27.29 8.94 34.84
N GLU E 37 -26.48 9.76 35.51
CA GLU E 37 -26.37 11.18 35.19
C GLU E 37 -24.93 11.48 34.79
N VAL E 38 -24.76 12.15 33.63
CA VAL E 38 -23.43 12.44 33.09
C VAL E 38 -23.47 13.88 32.61
N ASP E 39 -22.56 14.68 33.12
CA ASP E 39 -22.45 16.07 32.68
C ASP E 39 -21.03 16.35 32.30
N LEU E 40 -20.86 17.28 31.35
CA LEU E 40 -19.55 17.80 30.97
C LEU E 40 -19.46 19.19 31.59
N LEU E 41 -18.32 19.50 32.17
CA LEU E 41 -18.12 20.77 32.90
C LEU E 41 -17.03 21.61 32.24
N LYS E 42 -17.30 22.92 32.05
CA LYS E 42 -16.26 23.87 31.64
C LYS E 42 -15.96 24.79 32.80
N ASN E 43 -14.73 24.74 33.30
CA ASN E 43 -14.34 25.52 34.48
C ASN E 43 -15.37 25.45 35.60
N GLY E 44 -15.85 24.23 35.86
CA GLY E 44 -16.78 23.97 36.95
C GLY E 44 -18.23 24.19 36.60
N GLU E 45 -18.51 24.72 35.43
CA GLU E 45 -19.89 25.01 35.01
C GLU E 45 -20.43 23.94 34.07
N ARG E 46 -21.63 23.43 34.39
CA ARG E 46 -22.32 22.42 33.58
C ARG E 46 -22.57 22.94 32.17
N ILE E 47 -22.10 22.21 31.17
CA ILE E 47 -22.31 22.59 29.77
C ILE E 47 -23.72 22.13 29.34
N GLU E 48 -24.45 23.01 28.64
CA GLU E 48 -25.85 22.69 28.33
C GLU E 48 -26.11 21.91 27.07
N LYS E 49 -25.37 22.18 26.00
CA LYS E 49 -25.69 21.50 24.75
C LYS E 49 -24.87 20.21 24.68
N VAL E 50 -25.21 19.25 25.54
CA VAL E 50 -24.54 17.92 25.53
C VAL E 50 -25.52 16.86 25.01
N GLU E 51 -25.10 16.16 23.96
CA GLU E 51 -25.89 15.09 23.37
C GLU E 51 -25.31 13.76 23.82
N HIS E 52 -26.06 12.67 23.65
CA HIS E 52 -25.54 11.33 23.93
C HIS E 52 -26.08 10.31 22.94
N SER E 53 -25.31 9.24 22.79
CA SER E 53 -25.72 8.10 21.98
C SER E 53 -26.94 7.40 22.61
N ASP E 54 -27.61 6.58 21.80
CA ASP E 54 -28.78 5.85 22.28
C ASP E 54 -28.30 4.70 23.16
N LEU E 55 -28.99 4.48 24.28
CA LEU E 55 -28.59 3.42 25.23
C LEU E 55 -28.37 2.07 24.52
N SER E 56 -27.20 1.48 24.80
CA SER E 56 -26.86 0.16 24.26
C SER E 56 -26.08 -0.61 25.33
N PHE E 57 -25.81 -1.88 25.07
CA PHE E 57 -25.08 -2.69 26.03
C PHE E 57 -24.16 -3.71 25.38
N SER E 58 -23.27 -4.26 26.21
CA SER E 58 -22.17 -5.09 25.80
C SER E 58 -22.63 -6.53 25.96
N LYS E 59 -21.76 -7.46 25.57
CA LYS E 59 -22.08 -8.89 25.69
C LYS E 59 -22.51 -9.31 27.09
N ASP E 60 -21.87 -8.72 28.12
CA ASP E 60 -22.15 -9.03 29.51
C ASP E 60 -23.36 -8.27 30.09
N TRP E 61 -24.14 -7.61 29.22
CA TRP E 61 -25.38 -6.88 29.60
C TRP E 61 -25.15 -5.48 30.20
N SER E 62 -23.88 -5.15 30.44
CA SER E 62 -23.56 -3.85 31.02
C SER E 62 -23.73 -2.74 30.01
N PHE E 63 -24.27 -1.60 30.46
CA PHE E 63 -24.56 -0.51 29.53
C PHE E 63 -23.38 0.39 29.15
N TYR E 64 -23.48 1.06 28.01
CA TYR E 64 -22.54 2.13 27.66
C TYR E 64 -23.22 3.26 26.90
N LEU E 65 -22.65 4.45 27.05
CA LEU E 65 -23.18 5.67 26.46
C LEU E 65 -22.03 6.59 26.16
N LEU E 66 -22.14 7.31 25.06
CA LEU E 66 -21.19 8.37 24.74
C LEU E 66 -21.90 9.71 24.86
N TYR E 67 -21.40 10.59 25.73
CA TYR E 67 -21.90 11.97 25.84
C TYR E 67 -20.89 12.85 25.13
N TYR E 68 -21.35 13.84 24.37
CA TYR E 68 -20.39 14.64 23.59
C TYR E 68 -20.92 16.04 23.34
N THR E 69 -20.00 16.97 23.19
CA THR E 69 -20.39 18.36 22.89
C THR E 69 -19.29 19.03 22.10
N GLU E 70 -19.66 20.04 21.30
CA GLU E 70 -18.63 20.82 20.60
C GLU E 70 -17.86 21.62 21.65
N PHE E 71 -16.54 21.72 21.47
CA PHE E 71 -15.73 22.62 22.29
C PHE E 71 -14.49 23.07 21.52
N THR E 72 -13.96 24.22 21.91
CA THR E 72 -12.71 24.73 21.34
C THR E 72 -11.74 24.90 22.51
N PRO E 73 -10.82 23.93 22.69
CA PRO E 73 -9.89 23.95 23.84
C PRO E 73 -8.93 25.12 23.78
N THR E 74 -8.53 25.60 24.96
CA THR E 74 -7.50 26.63 25.11
C THR E 74 -6.45 26.14 26.12
N GLU E 75 -5.40 26.95 26.30
CA GLU E 75 -4.36 26.67 27.29
C GLU E 75 -4.91 26.57 28.70
N LYS E 76 -5.77 27.53 29.06
CA LYS E 76 -6.26 27.73 30.42
C LYS E 76 -7.56 27.05 30.81
N ASP E 77 -8.49 26.89 29.86
CA ASP E 77 -9.82 26.38 30.17
C ASP E 77 -9.73 24.93 30.65
N GLU E 78 -10.45 24.62 31.73
CA GLU E 78 -10.44 23.28 32.30
C GLU E 78 -11.79 22.60 32.07
N TYR E 79 -11.72 21.33 31.67
CA TYR E 79 -12.93 20.54 31.38
C TYR E 79 -12.94 19.28 32.24
N ALA E 80 -14.11 18.76 32.52
CA ALA E 80 -14.27 17.52 33.29
C ALA E 80 -15.58 16.85 32.95
N CYS E 81 -15.71 15.58 33.35
CA CYS E 81 -16.96 14.84 33.22
C CYS E 81 -17.37 14.49 34.63
N ARG E 82 -18.65 14.68 34.95
CA ARG E 82 -19.15 14.37 36.29
C ARG E 82 -20.24 13.34 36.15
N VAL E 83 -20.09 12.23 36.87
CA VAL E 83 -21.01 11.12 36.78
C VAL E 83 -21.63 10.78 38.12
N ASN E 84 -22.94 10.56 38.07
CA ASN E 84 -23.73 10.05 39.21
C ASN E 84 -24.45 8.75 38.86
N HIS E 85 -24.40 7.81 39.81
CA HIS E 85 -24.93 6.47 39.63
C HIS E 85 -25.19 5.86 40.99
N VAL E 86 -26.02 4.82 41.05
CA VAL E 86 -26.35 4.18 42.35
C VAL E 86 -25.10 3.64 43.06
N THR E 87 -24.11 3.24 42.29
CA THR E 87 -22.88 2.66 42.82
C THR E 87 -21.85 3.64 43.41
N LEU E 88 -22.14 4.93 43.29
CA LEU E 88 -21.20 6.00 43.64
C LEU E 88 -21.81 6.80 44.80
N SER E 89 -21.11 6.87 45.93
CA SER E 89 -21.69 7.57 47.07
C SER E 89 -21.60 9.07 46.85
N GLN E 90 -20.62 9.49 46.03
CA GLN E 90 -20.40 10.91 45.72
C GLN E 90 -20.38 11.05 44.20
N PRO E 91 -20.62 12.27 43.69
CA PRO E 91 -20.44 12.43 42.24
C PRO E 91 -18.99 12.10 41.93
N LYS E 92 -18.74 11.44 40.80
CA LYS E 92 -17.39 11.14 40.41
C LYS E 92 -16.99 12.15 39.35
N ILE E 93 -15.89 12.86 39.59
CA ILE E 93 -15.42 13.88 38.66
C ILE E 93 -14.06 13.44 38.09
N VAL E 94 -14.00 13.34 36.75
CA VAL E 94 -12.78 12.98 36.05
C VAL E 94 -12.40 14.18 35.18
N LYS E 95 -11.25 14.75 35.48
CA LYS E 95 -10.73 15.88 34.72
C LYS E 95 -10.23 15.49 33.35
N TRP E 96 -10.48 16.33 32.35
CA TRP E 96 -9.90 16.14 31.04
C TRP E 96 -8.41 16.47 31.01
N ASP E 97 -7.64 15.50 30.51
CA ASP E 97 -6.21 15.64 30.28
C ASP E 97 -6.03 15.42 28.77
N ARG E 98 -5.51 16.42 28.06
CA ARG E 98 -5.45 16.31 26.60
C ARG E 98 -4.55 15.17 26.10
N ASP E 99 -3.75 14.60 27.01
CA ASP E 99 -2.96 13.44 26.60
C ASP E 99 -3.47 12.13 27.21
N MET E 100 -4.78 12.04 27.42
CA MET E 100 -5.40 10.81 27.90
C MET E 100 -6.75 10.61 27.24
N SER F 1 -32.86 -5.52 9.33
CA SER F 1 -34.33 -5.69 9.45
C SER F 1 -34.69 -6.57 10.67
N LEU F 2 -35.63 -6.10 11.49
CA LEU F 2 -36.01 -6.81 12.72
C LEU F 2 -36.62 -8.19 12.45
N PHE F 3 -36.47 -9.07 13.44
CA PHE F 3 -37.20 -10.33 13.54
C PHE F 3 -38.68 -10.03 13.71
N ASN F 4 -39.54 -10.89 13.17
CA ASN F 4 -40.96 -10.81 13.50
C ASN F 4 -41.27 -11.52 14.81
N THR F 5 -41.06 -10.82 15.92
CA THR F 5 -41.18 -11.43 17.24
C THR F 5 -42.64 -11.74 17.56
N VAL F 6 -42.86 -12.89 18.18
CA VAL F 6 -44.21 -13.28 18.62
C VAL F 6 -44.24 -13.71 20.09
N ALA F 7 -43.20 -14.43 20.51
CA ALA F 7 -43.16 -15.06 21.81
C ALA F 7 -42.88 -14.07 22.95
N THR F 8 -43.46 -14.33 24.12
CA THR F 8 -43.11 -13.62 25.35
C THR F 8 -42.49 -14.61 26.33
N LEU F 9 -41.78 -14.11 27.34
CA LEU F 9 -41.16 -15.00 28.32
C LEU F 9 -42.18 -15.88 29.07
#